data_1SR9
#
_entry.id   1SR9
#
_cell.length_a   54.25
_cell.length_b   154.73
_cell.length_c   68.82
_cell.angle_alpha   90
_cell.angle_beta   98.05
_cell.angle_gamma   90
#
_symmetry.space_group_name_H-M   'P 1 21 1'
#
loop_
_entity.id
_entity.type
_entity.pdbx_description
1 polymer '2-isopropylmalate synthase'
2 non-polymer 'ZINC ION'
3 non-polymer 'CHLORIDE ION'
4 non-polymer '3-METHYL-2-OXOBUTANOIC ACID'
5 water water
#
_entity_poly.entity_id   1
_entity_poly.type   'polypeptide(L)'
_entity_poly.pdbx_seq_one_letter_code
;(MSE)TTSESPDAYTESFGAHTIVKPAGPPRVGQPSWNPQRASS(MSE)PVNRYRPFAEEVEPIRLRNRTWPDRVIDRAP
LWCAVDLRDGNQALIDP(MSE)SPARKRR(MSE)FDLLVR(MSE)GYKEIEVGFPSASQTDFDFVREIIEQGAIPDDVTI
QVLTQCRPELIERTFQACSGAPRAIVHFYNSTSILQRRVVFRANRAEVQAIATDGARKCVEQAAKYPGTQWRFEYSPESY
TGTELEYAKQVCDAVGEVIAPTPERPIIFNLPATVE(MSE)TTPNVYADSIEW(MSE)SRNLANRESVILSLHPHNDRGT
AVAAAELGFAAGADRIEGCLFGNGERTGNVCLVTLGLNLFSRGVDPQIDFSNIDEIRRTVEYCNQLPVHERHPYGGDLVY
TAFSGSHQDAINKGLDA(MSE)KLDADAADCDVDD(MSE)LWQVPYLPIDPRDVGRTYEAVIRVNSQSGKGGVAYI
(MSE)KTDHGLSLPRRLQIEFSQVIQKIAEGTAGEGGEVSPKE(MSE)WDAFAEEYLAPVRPLERIRQHVDAADDDGGTT
SITATVKINGVETEISGSGNGPLAAFVHALADVGFDVAVLDYYEHA(MSE)SAGDDAQAAAYVEASVTIASPAQPGEAGR
HASDPVTIASPAQPGEAGRHASDPVTSKTVWGVGIAPSITTASLRAVVSAVNRAAR
;
_entity_poly.pdbx_strand_id   A,B
#
loop_
_chem_comp.id
_chem_comp.type
_chem_comp.name
_chem_comp.formula
CL non-polymer 'CHLORIDE ION' 'Cl -1'
KIV non-polymer '3-METHYL-2-OXOBUTANOIC ACID' 'C5 H8 O3'
ZN non-polymer 'ZINC ION' 'Zn 2'
#
# COMPACT_ATOMS: atom_id res chain seq x y z
N THR A 18 13.99 0.63 12.73
CA THR A 18 14.31 1.36 11.47
C THR A 18 15.00 0.46 10.42
N ILE A 19 15.40 1.05 9.30
CA ILE A 19 15.94 0.29 8.16
C ILE A 19 17.42 0.06 8.34
N VAL A 20 17.84 -1.20 8.20
CA VAL A 20 19.21 -1.63 8.37
C VAL A 20 19.70 -2.24 7.08
N LYS A 21 20.77 -1.68 6.54
CA LYS A 21 21.28 -2.12 5.27
C LYS A 21 21.62 -3.63 5.30
N PRO A 22 21.11 -4.41 4.35
CA PRO A 22 21.50 -5.82 4.27
C PRO A 22 23.03 -5.95 4.31
N ALA A 23 23.53 -6.90 5.11
CA ALA A 23 24.97 -7.11 5.29
C ALA A 23 25.42 -8.59 5.36
N GLY A 24 24.51 -9.54 5.18
CA GLY A 24 24.87 -10.96 5.17
C GLY A 24 25.55 -11.40 3.86
N PRO A 25 26.25 -12.52 3.91
CA PRO A 25 26.96 -13.03 2.73
C PRO A 25 26.05 -13.22 1.51
N PRO A 26 26.51 -12.81 0.33
CA PRO A 26 25.85 -13.16 -0.93
C PRO A 26 25.70 -14.67 -1.07
N ARG A 27 24.78 -15.08 -1.93
CA ARG A 27 24.54 -16.52 -2.16
C ARG A 27 25.78 -17.11 -2.79
N VAL A 28 26.04 -18.39 -2.52
CA VAL A 28 27.09 -19.11 -3.26
C VAL A 28 26.69 -19.11 -4.75
N GLY A 29 27.62 -18.80 -5.64
CA GLY A 29 27.37 -18.75 -7.08
C GLY A 29 26.64 -17.49 -7.54
N GLN A 30 26.51 -16.51 -6.64
CA GLN A 30 26.02 -15.20 -7.02
C GLN A 30 27.08 -14.54 -7.87
N PRO A 31 26.70 -14.04 -9.03
CA PRO A 31 27.69 -13.47 -9.93
C PRO A 31 28.47 -12.25 -9.36
N SER A 32 29.70 -12.10 -9.83
CA SER A 32 30.58 -11.02 -9.42
C SER A 32 29.99 -9.65 -9.65
N TRP A 33 29.24 -9.52 -10.74
CA TRP A 33 28.61 -8.24 -11.09
C TRP A 33 27.36 -7.92 -10.24
N ASN A 34 26.93 -8.85 -9.40
CA ASN A 34 25.87 -8.58 -8.41
C ASN A 34 26.41 -8.54 -6.96
N PRO A 35 26.63 -7.33 -6.45
CA PRO A 35 27.16 -7.15 -5.09
C PRO A 35 26.13 -7.06 -3.96
N GLN A 36 24.88 -7.40 -4.24
CA GLN A 36 23.85 -7.37 -3.23
C GLN A 36 24.18 -8.31 -2.06
N ARG A 37 23.70 -7.97 -0.88
CA ARG A 37 23.93 -8.73 0.36
C ARG A 37 22.62 -9.33 0.87
N ALA A 38 22.74 -10.38 1.66
CA ALA A 38 21.58 -10.99 2.31
C ALA A 38 21.00 -10.05 3.35
N SER A 39 19.67 -9.94 3.34
CA SER A 39 18.96 -9.15 4.32
C SER A 39 18.83 -9.99 5.53
N SER A 40 18.37 -9.38 6.59
CA SER A 40 18.11 -10.09 7.81
C SER A 40 16.59 -10.38 7.95
N MSE A 41 15.82 -10.33 6.87
CA MSE A 41 14.40 -10.57 6.98
C MSE A 41 14.21 -12.07 7.28
O MSE A 41 14.99 -12.86 6.83
CB MSE A 41 13.65 -10.13 5.71
CG MSE A 41 13.75 -8.64 5.50
SE MSE A 41 12.59 -8.02 4.13
CE MSE A 41 10.83 -8.21 5.06
N PRO A 42 13.18 -12.45 8.01
CA PRO A 42 13.02 -13.86 8.36
C PRO A 42 12.34 -14.68 7.24
N VAL A 43 13.06 -14.87 6.14
CA VAL A 43 12.58 -15.60 4.99
C VAL A 43 12.19 -17.07 5.33
N ASN A 44 12.84 -17.69 6.32
CA ASN A 44 12.52 -19.07 6.67
C ASN A 44 11.11 -19.26 7.30
N ARG A 45 10.40 -18.18 7.56
CA ARG A 45 9.00 -18.26 7.97
C ARG A 45 7.99 -18.44 6.82
N TYR A 46 8.51 -18.38 5.59
CA TYR A 46 7.72 -18.48 4.38
C TYR A 46 8.28 -19.53 3.44
N ARG A 47 7.41 -20.27 2.76
CA ARG A 47 7.83 -21.37 1.90
C ARG A 47 7.40 -21.13 0.48
N PRO A 48 8.14 -21.68 -0.49
CA PRO A 48 7.65 -21.69 -1.87
C PRO A 48 6.21 -22.20 -1.94
N PHE A 49 5.43 -21.71 -2.89
CA PHE A 49 4.05 -22.13 -3.04
C PHE A 49 3.87 -23.63 -3.18
N ALA A 50 4.68 -24.25 -4.03
CA ALA A 50 4.62 -25.73 -4.22
C ALA A 50 4.75 -26.53 -2.93
N GLU A 51 5.50 -26.01 -1.98
CA GLU A 51 5.69 -26.61 -0.66
C GLU A 51 4.54 -26.22 0.29
N GLU A 52 4.09 -24.97 0.23
CA GLU A 52 3.00 -24.53 1.09
C GLU A 52 1.68 -25.23 0.71
N VAL A 53 1.48 -25.41 -0.59
CA VAL A 53 0.26 -26.03 -1.11
C VAL A 53 0.61 -27.33 -1.85
N GLU A 54 0.90 -27.26 -3.13
CA GLU A 54 1.32 -28.45 -3.87
C GLU A 54 2.02 -27.99 -5.11
N PRO A 55 2.79 -28.86 -5.77
CA PRO A 55 3.13 -28.59 -7.15
C PRO A 55 1.94 -28.72 -8.13
N ILE A 56 2.08 -27.92 -9.18
CA ILE A 56 1.34 -27.90 -10.43
C ILE A 56 1.16 -29.25 -11.10
N ARG A 57 -0.07 -29.62 -11.39
CA ARG A 57 -0.38 -30.91 -11.96
C ARG A 57 -0.56 -30.88 -13.50
N LEU A 58 -0.42 -29.71 -14.13
CA LEU A 58 -0.85 -29.55 -15.52
C LEU A 58 0.15 -30.02 -16.56
N ARG A 59 -0.23 -31.01 -17.36
CA ARG A 59 0.56 -31.43 -18.52
C ARG A 59 0.17 -30.62 -19.75
N ASN A 60 1.14 -30.17 -20.51
CA ASN A 60 0.83 -29.53 -21.78
C ASN A 60 -0.25 -28.41 -21.69
N ARG A 61 0.02 -27.41 -20.87
CA ARG A 61 -0.76 -26.18 -20.87
C ARG A 61 -0.95 -25.56 -22.27
N THR A 62 -2.11 -24.94 -22.50
CA THR A 62 -2.40 -24.19 -23.74
C THR A 62 -2.62 -22.69 -23.58
N TRP A 63 -2.92 -22.21 -22.37
CA TRP A 63 -3.11 -20.77 -22.14
C TRP A 63 -1.99 -19.85 -22.62
N PRO A 64 -0.71 -20.23 -22.54
CA PRO A 64 0.35 -19.38 -23.07
C PRO A 64 0.27 -19.13 -24.56
N ASP A 65 -0.46 -20.00 -25.31
CA ASP A 65 -0.59 -19.85 -26.74
C ASP A 65 -1.87 -19.22 -27.17
N ARG A 66 -2.75 -18.89 -26.23
CA ARG A 66 -4.02 -18.27 -26.56
C ARG A 66 -4.00 -16.78 -26.35
N VAL A 67 -4.63 -16.08 -27.28
CA VAL A 67 -4.89 -14.65 -27.15
C VAL A 67 -6.40 -14.49 -26.95
N ILE A 68 -6.79 -13.73 -25.93
CA ILE A 68 -8.18 -13.48 -25.69
C ILE A 68 -8.78 -12.78 -26.91
N ASP A 69 -9.91 -13.28 -27.36
CA ASP A 69 -10.57 -12.62 -28.50
C ASP A 69 -12.06 -12.40 -28.31
N ARG A 70 -12.57 -12.64 -27.11
CA ARG A 70 -13.95 -12.26 -26.77
C ARG A 70 -13.99 -11.80 -25.34
N ALA A 71 -15.04 -11.07 -24.96
CA ALA A 71 -15.21 -10.66 -23.59
C ALA A 71 -15.69 -11.84 -22.76
N PRO A 72 -15.26 -11.93 -21.53
CA PRO A 72 -15.87 -12.87 -20.58
C PRO A 72 -17.24 -12.36 -20.13
N LEU A 73 -18.00 -13.24 -19.47
CA LEU A 73 -19.13 -12.82 -18.65
C LEU A 73 -18.56 -12.15 -17.41
N TRP A 74 -18.99 -10.93 -17.14
CA TRP A 74 -18.53 -10.19 -15.99
C TRP A 74 -19.54 -10.34 -14.89
N CYS A 75 -19.06 -10.36 -13.64
CA CYS A 75 -19.89 -10.17 -12.48
C CYS A 75 -19.20 -9.16 -11.55
N ALA A 76 -19.97 -8.16 -11.13
CA ALA A 76 -19.44 -7.07 -10.30
C ALA A 76 -19.82 -7.33 -8.89
N VAL A 77 -18.83 -7.39 -8.00
CA VAL A 77 -19.06 -7.68 -6.60
C VAL A 77 -18.83 -6.47 -5.69
N ASP A 78 -18.90 -5.27 -6.28
CA ASP A 78 -18.71 -3.99 -5.57
C ASP A 78 -19.62 -3.81 -4.37
N LEU A 79 -20.87 -4.23 -4.52
CA LEU A 79 -21.86 -4.09 -3.44
C LEU A 79 -21.71 -5.12 -2.34
N ARG A 80 -20.78 -6.08 -2.49
CA ARG A 80 -20.54 -7.06 -1.42
C ARG A 80 -19.08 -7.10 -0.95
N ASP A 81 -18.19 -7.68 -1.75
CA ASP A 81 -16.76 -7.73 -1.45
C ASP A 81 -16.20 -6.32 -1.32
N GLY A 82 -16.62 -5.42 -2.20
CA GLY A 82 -16.16 -4.04 -2.14
C GLY A 82 -16.69 -3.33 -0.92
N ASN A 83 -18.00 -3.38 -0.79
CA ASN A 83 -18.68 -2.70 0.33
C ASN A 83 -18.16 -3.09 1.73
N GLN A 84 -18.00 -4.39 1.98
CA GLN A 84 -17.60 -4.91 3.32
C GLN A 84 -16.14 -4.58 3.66
N ALA A 85 -15.39 -4.17 2.63
CA ALA A 85 -13.99 -3.77 2.77
C ALA A 85 -13.78 -2.27 3.02
N LEU A 86 -14.85 -1.50 3.11
CA LEU A 86 -14.73 -0.04 3.23
C LEU A 86 -14.71 0.40 4.71
N ILE A 87 -13.94 1.42 5.07
CA ILE A 87 -14.05 1.95 6.44
C ILE A 87 -15.38 2.68 6.65
N ASP A 88 -15.89 3.32 5.61
CA ASP A 88 -17.23 3.95 5.61
C ASP A 88 -18.12 3.19 4.63
N PRO A 89 -18.82 2.18 5.10
CA PRO A 89 -19.67 1.38 4.20
C PRO A 89 -20.84 2.17 3.62
N MSE A 90 -21.35 1.70 2.49
CA MSE A 90 -22.26 2.47 1.70
C MSE A 90 -23.62 2.63 2.42
O MSE A 90 -24.19 1.63 2.91
CB MSE A 90 -22.47 1.79 0.37
CG MSE A 90 -21.34 2.02 -0.63
SE MSE A 90 -21.77 1.21 -2.34
CE MSE A 90 -19.97 0.19 -2.69
N SER A 91 -24.10 3.86 2.48
CA SER A 91 -25.49 4.17 2.82
C SER A 91 -26.43 3.55 1.80
N PRO A 92 -27.71 3.37 2.11
CA PRO A 92 -28.67 2.96 1.09
C PRO A 92 -28.64 3.80 -0.21
N ALA A 93 -28.34 5.10 -0.14
CA ALA A 93 -28.28 5.93 -1.35
C ALA A 93 -27.06 5.61 -2.19
N ARG A 94 -25.93 5.37 -1.53
CA ARG A 94 -24.69 5.05 -2.25
C ARG A 94 -24.80 3.68 -2.92
N LYS A 95 -25.44 2.72 -2.25
CA LYS A 95 -25.76 1.40 -2.81
C LYS A 95 -26.59 1.52 -4.07
N ARG A 96 -27.68 2.31 -4.06
CA ARG A 96 -28.50 2.43 -5.26
C ARG A 96 -27.70 3.04 -6.41
N ARG A 97 -26.87 4.03 -6.09
CA ARG A 97 -26.05 4.72 -7.07
C ARG A 97 -25.06 3.75 -7.73
N MSE A 98 -24.42 2.90 -6.93
CA MSE A 98 -23.46 1.90 -7.46
C MSE A 98 -24.24 0.90 -8.30
O MSE A 98 -23.84 0.57 -9.40
CB MSE A 98 -22.69 1.20 -6.31
CG MSE A 98 -21.77 0.02 -6.77
SE MSE A 98 -20.40 0.61 -7.99
CE MSE A 98 -19.39 1.31 -6.69
N PHE A 99 -25.39 0.44 -7.79
CA PHE A 99 -26.20 -0.51 -8.54
C PHE A 99 -26.58 0.05 -9.90
N ASP A 100 -27.10 1.28 -9.95
CA ASP A 100 -27.53 1.89 -11.19
C ASP A 100 -26.35 2.10 -12.11
N LEU A 101 -25.20 2.46 -11.56
CA LEU A 101 -24.01 2.64 -12.38
C LEU A 101 -23.67 1.34 -13.06
N LEU A 102 -23.68 0.26 -12.30
CA LEU A 102 -23.28 -1.04 -12.84
C LEU A 102 -24.22 -1.46 -13.93
N VAL A 103 -25.53 -1.23 -13.72
CA VAL A 103 -26.58 -1.53 -14.71
C VAL A 103 -26.36 -0.74 -16.03
N ARG A 104 -26.14 0.56 -15.92
CA ARG A 104 -25.93 1.44 -17.09
C ARG A 104 -24.68 1.16 -17.86
N MSE A 105 -23.64 0.69 -17.19
CA MSE A 105 -22.42 0.33 -17.86
C MSE A 105 -22.58 -0.93 -18.68
O MSE A 105 -21.81 -1.17 -19.60
CB MSE A 105 -21.29 0.11 -16.86
CG MSE A 105 -20.73 1.41 -16.30
SE MSE A 105 -19.44 1.12 -14.90
CE MSE A 105 -18.01 0.63 -16.10
N GLY A 106 -23.52 -1.79 -18.31
CA GLY A 106 -23.76 -3.01 -19.07
C GLY A 106 -23.60 -4.34 -18.33
N TYR A 107 -23.39 -4.32 -17.02
CA TYR A 107 -23.18 -5.54 -16.26
C TYR A 107 -24.53 -6.25 -16.11
N LYS A 108 -24.49 -7.56 -16.25
CA LYS A 108 -25.66 -8.41 -16.22
C LYS A 108 -25.72 -9.31 -15.00
N GLU A 109 -24.64 -9.38 -14.23
CA GLU A 109 -24.63 -10.10 -12.97
C GLU A 109 -23.96 -9.24 -11.93
N ILE A 110 -24.64 -9.04 -10.80
CA ILE A 110 -24.25 -8.04 -9.84
C ILE A 110 -24.49 -8.60 -8.45
N GLU A 111 -23.43 -8.75 -7.66
CA GLU A 111 -23.56 -9.34 -6.36
C GLU A 111 -23.96 -8.24 -5.43
N VAL A 112 -25.17 -8.33 -4.89
CA VAL A 112 -25.78 -7.19 -4.21
C VAL A 112 -25.70 -7.23 -2.70
N GLY A 113 -25.18 -8.32 -2.14
CA GLY A 113 -24.94 -8.37 -0.71
C GLY A 113 -24.80 -9.75 -0.12
N PHE A 114 -24.73 -9.75 1.23
CA PHE A 114 -24.53 -10.93 2.08
C PHE A 114 -25.71 -10.87 3.11
N PRO A 115 -26.94 -11.00 2.61
CA PRO A 115 -28.12 -10.57 3.38
C PRO A 115 -28.40 -11.34 4.67
N SER A 116 -27.88 -12.55 4.80
CA SER A 116 -28.12 -13.37 5.99
C SER A 116 -27.14 -12.99 7.12
N ALA A 117 -26.10 -12.27 6.78
CA ALA A 117 -25.11 -11.81 7.73
C ALA A 117 -25.32 -10.36 8.12
N SER A 118 -26.11 -9.61 7.34
CA SER A 118 -26.18 -8.15 7.48
C SER A 118 -27.59 -7.64 7.20
N GLN A 119 -28.23 -7.03 8.19
CA GLN A 119 -29.58 -6.48 8.01
C GLN A 119 -29.62 -5.35 6.95
N THR A 120 -28.56 -4.54 6.85
CA THR A 120 -28.50 -3.52 5.78
C THR A 120 -28.49 -4.11 4.37
N ASP A 121 -27.81 -5.25 4.19
CA ASP A 121 -27.82 -5.94 2.91
C ASP A 121 -29.20 -6.57 2.67
N PHE A 122 -29.79 -7.15 3.70
CA PHE A 122 -31.13 -7.75 3.61
C PHE A 122 -32.15 -6.71 3.17
N ASP A 123 -32.16 -5.55 3.83
CA ASP A 123 -33.06 -4.45 3.48
C ASP A 123 -32.82 -3.97 2.04
N PHE A 124 -31.57 -3.86 1.62
CA PHE A 124 -31.28 -3.47 0.22
C PHE A 124 -31.80 -4.48 -0.81
N VAL A 125 -31.66 -5.77 -0.54
CA VAL A 125 -32.13 -6.79 -1.46
C VAL A 125 -33.67 -6.64 -1.62
N ARG A 126 -34.35 -6.60 -0.48
CA ARG A 126 -35.80 -6.34 -0.43
C ARG A 126 -36.16 -5.11 -1.24
N GLU A 127 -35.38 -4.04 -1.08
CA GLU A 127 -35.68 -2.76 -1.74
C GLU A 127 -35.63 -2.85 -3.28
N ILE A 128 -34.55 -3.39 -3.86
CA ILE A 128 -34.43 -3.47 -5.33
C ILE A 128 -35.43 -4.45 -5.97
N ILE A 129 -35.88 -5.45 -5.21
CA ILE A 129 -36.89 -6.39 -5.67
C ILE A 129 -38.30 -5.77 -5.58
N GLU A 130 -38.59 -5.13 -4.45
CA GLU A 130 -39.93 -4.60 -4.19
C GLU A 130 -40.21 -3.35 -5.04
N GLN A 131 -39.21 -2.49 -5.20
CA GLN A 131 -39.30 -1.34 -6.09
C GLN A 131 -39.30 -1.68 -7.58
N GLY A 132 -38.99 -2.93 -7.97
CA GLY A 132 -38.94 -3.27 -9.39
C GLY A 132 -37.76 -2.61 -10.12
N ALA A 133 -36.63 -2.57 -9.42
CA ALA A 133 -35.42 -1.88 -9.87
C ALA A 133 -34.48 -2.75 -10.74
N ILE A 134 -34.84 -4.02 -10.94
CA ILE A 134 -33.98 -4.92 -11.68
C ILE A 134 -34.40 -5.10 -13.13
N PRO A 135 -33.58 -4.65 -14.08
CA PRO A 135 -33.93 -4.86 -15.49
C PRO A 135 -34.05 -6.33 -15.80
N ASP A 136 -34.77 -6.61 -16.88
CA ASP A 136 -35.07 -7.96 -17.29
C ASP A 136 -33.84 -8.81 -17.59
N ASP A 137 -32.74 -8.18 -18.00
CA ASP A 137 -31.53 -8.97 -18.36
C ASP A 137 -30.44 -8.99 -17.29
N VAL A 138 -30.78 -8.55 -16.09
CA VAL A 138 -29.85 -8.50 -14.99
C VAL A 138 -30.26 -9.55 -13.97
N THR A 139 -29.28 -10.33 -13.50
CA THR A 139 -29.52 -11.17 -12.35
C THR A 139 -28.67 -10.79 -11.16
N ILE A 140 -29.37 -10.52 -10.07
CA ILE A 140 -28.74 -10.25 -8.80
C ILE A 140 -28.14 -11.54 -8.24
N GLN A 141 -27.19 -11.34 -7.37
CA GLN A 141 -26.43 -12.44 -6.81
C GLN A 141 -26.24 -12.10 -5.38
N VAL A 142 -26.46 -13.09 -4.53
CA VAL A 142 -26.38 -12.92 -3.12
C VAL A 142 -25.48 -14.00 -2.55
N LEU A 143 -24.71 -13.61 -1.54
CA LEU A 143 -23.70 -14.47 -0.97
C LEU A 143 -24.25 -15.04 0.33
N THR A 144 -23.98 -16.32 0.56
CA THR A 144 -24.29 -16.99 1.83
C THR A 144 -23.29 -18.07 2.21
N GLN A 145 -23.10 -18.24 3.52
CA GLN A 145 -22.37 -19.38 4.07
C GLN A 145 -23.34 -20.56 4.09
N CYS A 146 -22.83 -21.75 4.43
CA CYS A 146 -23.51 -23.01 4.10
C CYS A 146 -24.49 -23.46 5.18
N ARG A 147 -24.41 -22.80 6.33
CA ARG A 147 -25.29 -23.15 7.45
C ARG A 147 -26.73 -23.06 6.97
N PRO A 148 -27.58 -24.00 7.40
CA PRO A 148 -28.94 -24.12 6.84
C PRO A 148 -29.80 -22.90 7.17
N GLU A 149 -29.73 -22.43 8.39
CA GLU A 149 -30.43 -21.21 8.77
C GLU A 149 -29.99 -19.96 7.93
N LEU A 150 -28.76 -19.95 7.44
CA LEU A 150 -28.26 -18.83 6.65
C LEU A 150 -28.78 -18.96 5.23
N ILE A 151 -28.83 -20.17 4.70
CA ILE A 151 -29.41 -20.37 3.38
C ILE A 151 -30.90 -19.98 3.35
N GLU A 152 -31.66 -20.35 4.37
CA GLU A 152 -33.08 -19.98 4.43
C GLU A 152 -33.23 -18.47 4.36
N ARG A 153 -32.44 -17.76 5.15
CA ARG A 153 -32.57 -16.31 5.28
C ARG A 153 -32.22 -15.62 3.98
N THR A 154 -31.32 -16.27 3.24
CA THR A 154 -30.90 -15.79 1.93
C THR A 154 -32.03 -15.89 0.90
N PHE A 155 -32.68 -17.04 0.85
CA PHE A 155 -33.84 -17.18 -0.04
C PHE A 155 -35.00 -16.22 0.37
N GLN A 156 -35.22 -16.03 1.66
CA GLN A 156 -36.23 -15.07 2.10
C GLN A 156 -35.92 -13.70 1.54
N ALA A 157 -34.64 -13.35 1.50
CA ALA A 157 -34.28 -12.03 1.02
C ALA A 157 -34.58 -11.90 -0.45
N CYS A 158 -34.41 -12.99 -1.19
CA CYS A 158 -34.66 -12.95 -2.60
C CYS A 158 -36.12 -13.22 -2.95
N SER A 159 -37.01 -13.40 -1.98
CA SER A 159 -38.44 -13.65 -2.27
C SER A 159 -38.96 -12.68 -3.32
N GLY A 160 -39.54 -13.19 -4.40
CA GLY A 160 -40.13 -12.35 -5.44
C GLY A 160 -39.18 -11.86 -6.53
N ALA A 161 -37.89 -12.22 -6.42
CA ALA A 161 -36.96 -11.92 -7.52
C ALA A 161 -37.38 -12.72 -8.75
N PRO A 162 -37.33 -12.13 -9.95
CA PRO A 162 -37.62 -12.89 -11.15
C PRO A 162 -36.51 -13.93 -11.41
N ARG A 163 -35.29 -13.61 -10.98
CA ARG A 163 -34.17 -14.54 -11.08
C ARG A 163 -33.08 -14.13 -10.13
N ALA A 164 -32.29 -15.08 -9.69
CA ALA A 164 -31.22 -14.80 -8.73
C ALA A 164 -30.18 -15.91 -8.77
N ILE A 165 -28.91 -15.52 -8.58
CA ILE A 165 -27.82 -16.45 -8.31
C ILE A 165 -27.63 -16.52 -6.80
N VAL A 166 -27.77 -17.71 -6.24
CA VAL A 166 -27.44 -17.90 -4.83
C VAL A 166 -26.03 -18.49 -4.79
N HIS A 167 -25.13 -17.72 -4.21
CA HIS A 167 -23.70 -18.05 -4.18
C HIS A 167 -23.37 -18.54 -2.80
N PHE A 168 -23.16 -19.83 -2.65
CA PHE A 168 -22.82 -20.38 -1.38
C PHE A 168 -21.36 -20.84 -1.41
N TYR A 169 -20.70 -20.77 -0.26
CA TYR A 169 -19.29 -21.09 -0.19
C TYR A 169 -18.89 -21.63 1.16
N ASN A 170 -17.76 -22.32 1.15
CA ASN A 170 -17.08 -22.69 2.36
C ASN A 170 -15.58 -22.85 2.10
N SER A 171 -14.78 -22.62 3.12
CA SER A 171 -13.34 -22.58 2.99
C SER A 171 -12.75 -23.99 2.87
N THR A 172 -11.94 -24.24 1.84
CA THR A 172 -11.36 -25.58 1.60
C THR A 172 -9.85 -25.75 1.76
N SER A 173 -9.14 -24.69 2.07
CA SER A 173 -7.70 -24.73 2.02
C SER A 173 -7.13 -25.62 3.11
N ILE A 174 -5.95 -26.16 2.84
CA ILE A 174 -5.19 -26.98 3.80
C ILE A 174 -5.15 -26.30 5.14
N LEU A 175 -4.82 -25.01 5.14
CA LEU A 175 -4.72 -24.25 6.36
C LEU A 175 -6.03 -24.14 7.11
N GLN A 176 -7.09 -23.68 6.46
CA GLN A 176 -8.35 -23.49 7.18
C GLN A 176 -8.94 -24.81 7.68
N ARG A 177 -8.78 -25.88 6.89
CA ARG A 177 -9.25 -27.18 7.33
C ARG A 177 -8.58 -27.55 8.63
N ARG A 178 -7.28 -27.30 8.75
CA ARG A 178 -6.54 -27.67 9.98
C ARG A 178 -6.82 -26.76 11.19
N VAL A 179 -6.69 -25.45 11.00
CA VAL A 179 -6.67 -24.54 12.12
C VAL A 179 -7.96 -23.73 12.30
N VAL A 180 -8.77 -23.60 11.27
CA VAL A 180 -10.06 -22.90 11.44
C VAL A 180 -11.20 -23.87 11.79
N PHE A 181 -11.33 -24.94 11.04
CA PHE A 181 -12.45 -25.87 11.19
C PHE A 181 -12.09 -27.16 11.97
N ARG A 182 -10.80 -27.48 12.06
CA ARG A 182 -10.29 -28.72 12.64
C ARG A 182 -11.00 -29.95 12.04
N ALA A 183 -11.14 -29.95 10.72
CA ALA A 183 -11.99 -30.93 10.07
C ALA A 183 -11.24 -31.59 8.93
N ASN A 184 -11.60 -32.82 8.61
CA ASN A 184 -10.97 -33.50 7.51
C ASN A 184 -11.68 -33.20 6.16
N ARG A 185 -11.09 -33.73 5.10
CA ARG A 185 -11.59 -33.53 3.77
C ARG A 185 -13.05 -33.93 3.59
N ALA A 186 -13.44 -35.10 4.08
CA ALA A 186 -14.83 -35.55 3.90
C ALA A 186 -15.81 -34.65 4.62
N GLU A 187 -15.44 -34.16 5.80
CA GLU A 187 -16.32 -33.31 6.58
C GLU A 187 -16.54 -31.96 5.88
N VAL A 188 -15.47 -31.40 5.34
CA VAL A 188 -15.50 -30.10 4.67
C VAL A 188 -16.30 -30.25 3.38
N GLN A 189 -16.16 -31.38 2.69
CA GLN A 189 -16.93 -31.61 1.48
C GLN A 189 -18.41 -31.70 1.80
N ALA A 190 -18.75 -32.43 2.87
CA ALA A 190 -20.12 -32.53 3.37
C ALA A 190 -20.70 -31.16 3.70
N ILE A 191 -19.90 -30.21 4.20
CA ILE A 191 -20.46 -28.88 4.48
C ILE A 191 -20.97 -28.22 3.17
N ALA A 192 -20.19 -28.35 2.11
CA ALA A 192 -20.53 -27.78 0.81
C ALA A 192 -21.75 -28.50 0.23
N THR A 193 -21.77 -29.78 0.40
CA THR A 193 -22.70 -30.63 -0.27
C THR A 193 -24.07 -30.59 0.50
N ASP A 194 -24.03 -30.49 1.82
CA ASP A 194 -25.25 -30.24 2.60
C ASP A 194 -25.81 -28.87 2.29
N GLY A 195 -24.91 -27.91 2.05
CA GLY A 195 -25.30 -26.59 1.60
C GLY A 195 -26.07 -26.66 0.28
N ALA A 196 -25.53 -27.37 -0.69
CA ALA A 196 -26.13 -27.52 -2.01
C ALA A 196 -27.52 -28.15 -1.89
N ARG A 197 -27.63 -29.19 -1.07
CA ARG A 197 -28.93 -29.88 -0.83
C ARG A 197 -29.99 -28.93 -0.28
N LYS A 198 -29.63 -28.15 0.74
CA LYS A 198 -30.50 -27.13 1.28
C LYS A 198 -30.91 -26.09 0.22
N CYS A 199 -29.96 -25.72 -0.66
CA CYS A 199 -30.28 -24.79 -1.70
C CYS A 199 -31.36 -25.38 -2.60
N VAL A 200 -31.20 -26.67 -2.94
CA VAL A 200 -32.16 -27.38 -3.80
C VAL A 200 -33.55 -27.44 -3.16
N GLU A 201 -33.59 -27.63 -1.85
CA GLU A 201 -34.81 -27.70 -1.06
C GLU A 201 -35.53 -26.34 -1.07
N GLN A 202 -34.79 -25.28 -0.78
CA GLN A 202 -35.37 -23.95 -0.69
C GLN A 202 -35.87 -23.52 -2.05
N ALA A 203 -35.16 -23.93 -3.11
CA ALA A 203 -35.53 -23.55 -4.48
C ALA A 203 -36.90 -24.09 -4.86
N ALA A 204 -37.18 -25.33 -4.46
CA ALA A 204 -38.48 -25.96 -4.66
C ALA A 204 -39.60 -25.26 -3.88
N LYS A 205 -39.30 -24.61 -2.76
CA LYS A 205 -40.32 -23.90 -1.95
C LYS A 205 -40.57 -22.45 -2.41
N TYR A 206 -39.72 -21.92 -3.29
CA TYR A 206 -39.93 -20.57 -3.82
C TYR A 206 -40.16 -20.58 -5.35
N PRO A 207 -41.41 -20.77 -5.76
CA PRO A 207 -41.67 -21.03 -7.19
C PRO A 207 -41.55 -19.73 -7.97
N GLY A 208 -41.34 -19.86 -9.28
CA GLY A 208 -41.39 -18.72 -10.19
C GLY A 208 -40.06 -18.03 -10.44
N THR A 209 -39.32 -17.76 -9.35
CA THR A 209 -37.97 -17.23 -9.45
C THR A 209 -37.10 -18.23 -10.17
N GLN A 210 -36.29 -17.75 -11.12
CA GLN A 210 -35.38 -18.63 -11.83
C GLN A 210 -34.12 -18.71 -11.00
N TRP A 211 -34.06 -19.74 -10.16
CA TRP A 211 -32.93 -19.92 -9.27
C TRP A 211 -31.72 -20.49 -10.02
N ARG A 212 -30.57 -19.95 -9.65
CA ARG A 212 -29.31 -20.32 -10.23
C ARG A 212 -28.30 -20.36 -9.09
N PHE A 213 -27.28 -21.19 -9.24
CA PHE A 213 -26.34 -21.40 -8.15
C PHE A 213 -24.90 -21.17 -8.55
N GLU A 214 -24.15 -20.72 -7.57
CA GLU A 214 -22.71 -20.59 -7.65
C GLU A 214 -22.14 -21.16 -6.34
N TYR A 215 -21.11 -22.00 -6.49
CA TYR A 215 -20.36 -22.55 -5.40
C TYR A 215 -18.90 -22.09 -5.56
N SER A 216 -18.31 -21.58 -4.46
CA SER A 216 -16.87 -21.27 -4.36
C SER A 216 -16.20 -22.13 -3.27
N PRO A 217 -15.16 -22.86 -3.62
CA PRO A 217 -14.30 -23.42 -2.59
C PRO A 217 -13.40 -22.28 -2.16
N GLU A 218 -13.79 -21.64 -1.09
CA GLU A 218 -13.15 -20.43 -0.67
C GLU A 218 -11.70 -20.77 -0.22
N SER A 219 -10.77 -19.84 -0.46
CA SER A 219 -9.34 -20.10 -0.31
C SER A 219 -8.88 -21.23 -1.23
N TYR A 220 -9.43 -21.23 -2.43
CA TYR A 220 -9.08 -22.19 -3.47
C TYR A 220 -7.57 -22.25 -3.75
N THR A 221 -6.90 -21.10 -3.77
CA THR A 221 -5.47 -21.08 -4.12
C THR A 221 -4.62 -21.73 -3.02
N GLY A 222 -5.14 -21.89 -1.82
CA GLY A 222 -4.49 -22.71 -0.80
C GLY A 222 -5.02 -24.14 -0.64
N THR A 223 -5.77 -24.60 -1.65
CA THR A 223 -6.40 -25.92 -1.67
C THR A 223 -5.75 -26.83 -2.72
N GLU A 224 -5.65 -28.12 -2.39
CA GLU A 224 -5.21 -29.11 -3.39
C GLU A 224 -6.20 -29.22 -4.54
N LEU A 225 -5.69 -29.24 -5.78
CA LEU A 225 -6.57 -29.15 -6.96
C LEU A 225 -7.51 -30.39 -7.10
N GLU A 226 -6.98 -31.57 -6.82
CA GLU A 226 -7.74 -32.81 -6.84
C GLU A 226 -8.89 -32.72 -5.84
N TYR A 227 -8.63 -32.11 -4.70
CA TYR A 227 -9.64 -31.98 -3.68
C TYR A 227 -10.70 -30.94 -4.07
N ALA A 228 -10.25 -29.78 -4.56
CA ALA A 228 -11.15 -28.74 -5.06
C ALA A 228 -12.08 -29.33 -6.12
N LYS A 229 -11.52 -30.13 -7.00
CA LYS A 229 -12.30 -30.80 -8.04
C LYS A 229 -13.35 -31.75 -7.46
N GLN A 230 -12.95 -32.56 -6.51
CA GLN A 230 -13.86 -33.45 -5.83
C GLN A 230 -15.03 -32.73 -5.18
N VAL A 231 -14.76 -31.65 -4.45
CA VAL A 231 -15.82 -30.88 -3.79
C VAL A 231 -16.80 -30.26 -4.80
N CYS A 232 -16.27 -29.50 -5.77
CA CYS A 232 -17.07 -28.97 -6.88
C CYS A 232 -17.92 -30.06 -7.58
N ASP A 233 -17.29 -31.14 -8.01
CA ASP A 233 -18.02 -32.25 -8.66
C ASP A 233 -19.16 -32.74 -7.77
N ALA A 234 -18.89 -32.93 -6.49
CA ALA A 234 -19.88 -33.42 -5.53
C ALA A 234 -21.02 -32.42 -5.34
N VAL A 235 -20.71 -31.13 -5.26
CA VAL A 235 -21.73 -30.07 -5.21
C VAL A 235 -22.58 -30.09 -6.46
N GLY A 236 -21.95 -30.27 -7.61
CA GLY A 236 -22.62 -30.32 -8.88
C GLY A 236 -23.57 -31.50 -9.03
N GLU A 237 -23.22 -32.64 -8.46
CA GLU A 237 -24.09 -33.81 -8.44
C GLU A 237 -25.39 -33.53 -7.66
N VAL A 238 -25.30 -32.77 -6.58
CA VAL A 238 -26.47 -32.32 -5.85
C VAL A 238 -27.35 -31.37 -6.66
N ILE A 239 -26.75 -30.30 -7.20
CA ILE A 239 -27.49 -29.29 -7.92
C ILE A 239 -28.07 -29.82 -9.24
N ALA A 240 -27.34 -30.74 -9.89
CA ALA A 240 -27.72 -31.30 -11.17
C ALA A 240 -27.92 -30.26 -12.23
N PRO A 241 -26.88 -29.48 -12.59
CA PRO A 241 -27.04 -28.46 -13.60
C PRO A 241 -27.07 -29.06 -15.00
N THR A 242 -27.60 -28.32 -15.93
CA THR A 242 -27.62 -28.72 -17.34
C THR A 242 -27.03 -27.60 -18.16
N PRO A 243 -26.77 -27.85 -19.44
CA PRO A 243 -26.26 -26.78 -20.33
C PRO A 243 -27.15 -25.55 -20.44
N GLU A 244 -28.46 -25.71 -20.34
CA GLU A 244 -29.37 -24.56 -20.33
C GLU A 244 -29.47 -23.88 -18.96
N ARG A 245 -29.17 -24.63 -17.89
CA ARG A 245 -29.27 -24.15 -16.51
C ARG A 245 -27.97 -24.49 -15.77
N PRO A 246 -26.87 -23.87 -16.13
CA PRO A 246 -25.56 -24.30 -15.60
C PRO A 246 -25.32 -23.84 -14.20
N ILE A 247 -24.35 -24.47 -13.54
CA ILE A 247 -23.88 -24.04 -12.24
C ILE A 247 -22.60 -23.21 -12.48
N ILE A 248 -22.34 -22.25 -11.60
CA ILE A 248 -21.09 -21.50 -11.64
C ILE A 248 -20.19 -22.09 -10.58
N PHE A 249 -18.97 -22.49 -10.97
CA PHE A 249 -17.92 -22.83 -10.00
C PHE A 249 -16.94 -21.67 -10.03
N ASN A 250 -16.85 -20.97 -8.91
CA ASN A 250 -16.07 -19.72 -8.82
C ASN A 250 -14.84 -20.05 -8.00
N LEU A 251 -13.67 -19.86 -8.57
CA LEU A 251 -12.39 -20.31 -7.97
C LEU A 251 -11.54 -19.13 -7.55
N PRO A 252 -11.65 -18.72 -6.30
CA PRO A 252 -11.03 -17.49 -5.85
C PRO A 252 -9.57 -17.61 -5.42
N ALA A 253 -8.78 -16.61 -5.81
CA ALA A 253 -7.52 -16.34 -5.13
C ALA A 253 -7.86 -15.43 -3.96
N THR A 254 -8.45 -16.07 -2.95
CA THR A 254 -8.92 -15.39 -1.77
C THR A 254 -7.81 -14.59 -1.17
N VAL A 255 -6.66 -15.26 -1.04
CA VAL A 255 -5.39 -14.59 -1.00
C VAL A 255 -4.69 -14.92 -2.30
N GLU A 256 -4.14 -13.90 -2.93
CA GLU A 256 -3.17 -14.12 -4.02
C GLU A 256 -1.83 -14.60 -3.47
N MSE A 257 -1.53 -15.85 -3.79
CA MSE A 257 -0.49 -16.60 -3.10
C MSE A 257 0.76 -16.83 -3.97
O MSE A 257 1.83 -17.03 -3.44
CB MSE A 257 -1.06 -17.95 -2.61
CG MSE A 257 -1.84 -17.89 -1.29
SE MSE A 257 -2.48 -19.65 -0.97
CE MSE A 257 -0.91 -20.11 0.21
N THR A 258 0.62 -16.81 -5.30
CA THR A 258 1.77 -16.98 -6.16
C THR A 258 1.58 -16.27 -7.50
N THR A 259 2.51 -16.51 -8.43
CA THR A 259 2.47 -15.87 -9.73
C THR A 259 1.25 -16.28 -10.58
N PRO A 260 0.81 -15.36 -11.43
CA PRO A 260 -0.45 -15.54 -12.18
C PRO A 260 -0.46 -16.74 -13.18
N ASN A 261 0.71 -17.14 -13.67
CA ASN A 261 0.86 -18.33 -14.50
C ASN A 261 0.47 -19.57 -13.75
N VAL A 262 0.78 -19.62 -12.45
CA VAL A 262 0.45 -20.80 -11.65
C VAL A 262 -1.05 -20.84 -11.37
N TYR A 263 -1.64 -19.70 -11.05
CA TYR A 263 -3.10 -19.62 -10.99
C TYR A 263 -3.72 -20.09 -12.29
N ALA A 264 -3.22 -19.60 -13.41
CA ALA A 264 -3.76 -19.97 -14.72
C ALA A 264 -3.61 -21.45 -14.99
N ASP A 265 -2.49 -22.07 -14.57
CA ASP A 265 -2.30 -23.52 -14.72
C ASP A 265 -3.39 -24.23 -13.91
N SER A 266 -3.66 -23.72 -12.73
CA SER A 266 -4.72 -24.27 -11.92
C SER A 266 -6.10 -24.22 -12.58
N ILE A 267 -6.41 -23.09 -13.20
CA ILE A 267 -7.67 -22.89 -13.90
C ILE A 267 -7.80 -23.86 -15.08
N GLU A 268 -6.75 -23.98 -15.89
CA GLU A 268 -6.83 -24.82 -17.06
C GLU A 268 -7.03 -26.27 -16.60
N TRP A 269 -6.32 -26.68 -15.56
CA TRP A 269 -6.48 -28.01 -15.00
C TRP A 269 -7.91 -28.27 -14.54
N MSE A 270 -8.47 -27.35 -13.78
CA MSE A 270 -9.86 -27.48 -13.36
C MSE A 270 -10.82 -27.52 -14.54
O MSE A 270 -11.75 -28.37 -14.58
CB MSE A 270 -10.24 -26.33 -12.41
CG MSE A 270 -9.47 -26.38 -11.10
SE MSE A 270 -10.11 -27.77 -9.87
CE MSE A 270 -11.73 -26.96 -9.21
N SER A 271 -10.59 -26.67 -15.53
CA SER A 271 -11.47 -26.58 -16.69
C SER A 271 -11.48 -27.92 -17.46
N ARG A 272 -10.31 -28.59 -17.48
CA ARG A 272 -10.16 -29.88 -18.18
C ARG A 272 -10.66 -31.07 -17.43
N ASN A 273 -10.70 -30.99 -16.10
CA ASN A 273 -10.96 -32.13 -15.25
C ASN A 273 -12.31 -32.10 -14.54
N LEU A 274 -12.92 -30.93 -14.35
CA LEU A 274 -14.25 -30.89 -13.72
C LEU A 274 -15.23 -31.73 -14.55
N ALA A 275 -16.10 -32.45 -13.84
CA ALA A 275 -17.18 -33.26 -14.46
C ALA A 275 -18.28 -32.34 -15.00
N ASN A 276 -18.96 -32.83 -16.05
CA ASN A 276 -20.14 -32.18 -16.60
C ASN A 276 -19.82 -30.74 -17.02
N ARG A 277 -18.69 -30.60 -17.73
CA ARG A 277 -18.09 -29.32 -18.04
C ARG A 277 -19.03 -28.39 -18.83
N GLU A 278 -19.83 -28.97 -19.71
CA GLU A 278 -20.80 -28.20 -20.48
C GLU A 278 -21.84 -27.51 -19.61
N SER A 279 -22.12 -28.06 -18.43
CA SER A 279 -23.07 -27.46 -17.46
C SER A 279 -22.40 -26.58 -16.38
N VAL A 280 -21.17 -26.16 -16.64
CA VAL A 280 -20.38 -25.36 -15.71
C VAL A 280 -19.96 -24.04 -16.39
N ILE A 281 -20.22 -22.93 -15.71
CA ILE A 281 -19.61 -21.63 -15.97
C ILE A 281 -18.47 -21.52 -14.98
N LEU A 282 -17.25 -21.51 -15.50
CA LEU A 282 -16.09 -21.47 -14.64
C LEU A 282 -15.71 -20.03 -14.43
N SER A 283 -15.70 -19.63 -13.18
CA SER A 283 -15.55 -18.23 -12.79
C SER A 283 -14.30 -18.03 -11.95
N LEU A 284 -13.65 -16.89 -12.15
CA LEU A 284 -12.43 -16.45 -11.46
C LEU A 284 -12.75 -15.29 -10.52
N HIS A 285 -12.13 -15.30 -9.34
CA HIS A 285 -12.32 -14.28 -8.33
C HIS A 285 -10.96 -13.99 -7.71
N PRO A 286 -10.12 -13.23 -8.40
CA PRO A 286 -8.78 -12.96 -7.88
C PRO A 286 -8.67 -11.75 -7.00
N HIS A 287 -7.95 -11.86 -5.87
CA HIS A 287 -7.57 -10.69 -5.08
C HIS A 287 -6.12 -10.29 -5.45
N ASN A 288 -5.62 -9.16 -4.93
CA ASN A 288 -4.40 -8.54 -5.44
C ASN A 288 -3.18 -8.50 -4.49
N ASP A 289 -3.06 -9.48 -3.58
CA ASP A 289 -1.99 -9.48 -2.55
C ASP A 289 -0.56 -9.37 -3.08
N ARG A 290 -0.30 -9.88 -4.26
CA ARG A 290 1.01 -9.80 -4.88
C ARG A 290 1.06 -8.79 -6.03
N GLY A 291 -0.01 -8.03 -6.22
CA GLY A 291 -0.08 -7.03 -7.27
C GLY A 291 -0.38 -7.55 -8.65
N THR A 292 -0.90 -8.77 -8.73
CA THR A 292 -1.03 -9.39 -10.02
C THR A 292 -2.42 -9.96 -10.32
N ALA A 293 -3.46 -9.41 -9.71
CA ALA A 293 -4.82 -9.90 -9.94
C ALA A 293 -5.25 -9.76 -11.39
N VAL A 294 -4.97 -8.61 -11.98
CA VAL A 294 -5.34 -8.39 -13.38
C VAL A 294 -4.72 -9.48 -14.25
N ALA A 295 -3.43 -9.75 -14.04
CA ALA A 295 -2.70 -10.79 -14.77
C ALA A 295 -3.29 -12.15 -14.50
N ALA A 296 -3.63 -12.44 -13.26
CA ALA A 296 -4.24 -13.72 -12.95
C ALA A 296 -5.55 -13.95 -13.72
N ALA A 297 -6.33 -12.90 -13.83
CA ALA A 297 -7.60 -12.95 -14.52
C ALA A 297 -7.44 -13.18 -16.00
N GLU A 298 -6.54 -12.44 -16.63
CA GLU A 298 -6.37 -12.54 -18.04
C GLU A 298 -5.78 -13.89 -18.45
N LEU A 299 -4.76 -14.36 -17.73
CA LEU A 299 -4.17 -15.64 -18.07
C LEU A 299 -5.17 -16.74 -17.69
N GLY A 300 -5.85 -16.58 -16.57
CA GLY A 300 -6.91 -17.49 -16.13
C GLY A 300 -8.01 -17.61 -17.19
N PHE A 301 -8.34 -16.48 -17.83
CA PHE A 301 -9.41 -16.49 -18.84
C PHE A 301 -8.89 -17.23 -20.05
N ALA A 302 -7.62 -17.00 -20.42
CA ALA A 302 -7.05 -17.73 -21.55
C ALA A 302 -6.98 -19.22 -21.25
N ALA A 303 -6.93 -19.57 -19.98
CA ALA A 303 -6.86 -20.94 -19.51
C ALA A 303 -8.19 -21.71 -19.57
N GLY A 304 -9.28 -21.02 -19.86
CA GLY A 304 -10.58 -21.64 -20.17
C GLY A 304 -11.71 -21.26 -19.23
N ALA A 305 -11.45 -20.30 -18.34
CA ALA A 305 -12.53 -19.75 -17.57
C ALA A 305 -13.55 -19.04 -18.50
N ASP A 306 -14.77 -18.87 -17.99
CA ASP A 306 -15.89 -18.26 -18.72
C ASP A 306 -16.32 -16.93 -18.16
N ARG A 307 -15.91 -16.63 -16.95
CA ARG A 307 -16.53 -15.59 -16.16
C ARG A 307 -15.52 -15.00 -15.20
N ILE A 308 -15.64 -13.72 -14.91
CA ILE A 308 -14.73 -13.08 -13.97
C ILE A 308 -15.50 -12.18 -13.01
N GLU A 309 -15.24 -12.34 -11.72
CA GLU A 309 -15.79 -11.46 -10.66
C GLU A 309 -14.74 -10.46 -10.23
N GLY A 310 -15.13 -9.19 -10.15
CA GLY A 310 -14.26 -8.11 -9.75
C GLY A 310 -15.02 -6.87 -9.31
N CYS A 311 -14.30 -5.78 -9.03
CA CYS A 311 -14.90 -4.49 -8.61
C CYS A 311 -14.32 -3.40 -9.48
N LEU A 312 -15.08 -2.34 -9.67
CA LEU A 312 -14.57 -1.20 -10.38
C LEU A 312 -13.43 -0.59 -9.59
N PHE A 313 -12.33 -0.30 -10.29
CA PHE A 313 -11.15 0.30 -9.70
C PHE A 313 -10.56 -0.50 -8.54
N GLY A 314 -10.82 -1.81 -8.57
CA GLY A 314 -10.10 -2.72 -7.68
C GLY A 314 -10.35 -2.58 -6.21
N ASN A 315 -11.57 -2.21 -5.85
CA ASN A 315 -11.94 -2.16 -4.46
C ASN A 315 -12.14 -3.60 -3.95
N GLY A 316 -12.11 -3.76 -2.63
CA GLY A 316 -12.36 -5.06 -2.00
C GLY A 316 -11.36 -5.36 -0.90
N GLU A 317 -11.51 -6.48 -0.19
CA GLU A 317 -10.67 -6.78 0.97
C GLU A 317 -9.17 -6.51 0.67
N ARG A 318 -8.49 -5.86 1.62
CA ARG A 318 -7.04 -5.68 1.63
C ARG A 318 -6.52 -4.99 0.38
N THR A 319 -5.92 -5.72 -0.55
CA THR A 319 -5.43 -5.14 -1.78
C THR A 319 -6.50 -5.07 -2.84
N GLY A 320 -7.66 -5.63 -2.60
CA GLY A 320 -8.80 -5.47 -3.48
C GLY A 320 -9.07 -6.68 -4.34
N ASN A 321 -10.24 -6.68 -4.97
CA ASN A 321 -10.60 -7.62 -5.98
C ASN A 321 -10.00 -7.09 -7.25
N VAL A 322 -9.89 -7.96 -8.25
CA VAL A 322 -9.39 -7.53 -9.56
C VAL A 322 -10.20 -6.37 -10.14
N CYS A 323 -9.49 -5.45 -10.78
CA CYS A 323 -10.10 -4.26 -11.33
C CYS A 323 -10.83 -4.52 -12.65
N LEU A 324 -12.13 -4.33 -12.62
CA LEU A 324 -12.96 -4.55 -13.81
C LEU A 324 -12.67 -3.53 -14.90
N VAL A 325 -12.27 -2.34 -14.53
CA VAL A 325 -12.03 -1.27 -15.50
C VAL A 325 -10.80 -1.60 -16.30
N THR A 326 -9.75 -1.98 -15.59
CA THR A 326 -8.50 -2.38 -16.23
C THR A 326 -8.72 -3.54 -17.16
N LEU A 327 -9.45 -4.55 -16.71
CA LEU A 327 -9.67 -5.74 -17.55
C LEU A 327 -10.45 -5.38 -18.81
N GLY A 328 -11.50 -4.59 -18.64
CA GLY A 328 -12.37 -4.23 -19.76
C GLY A 328 -11.63 -3.38 -20.78
N LEU A 329 -10.92 -2.35 -20.31
CA LEU A 329 -10.19 -1.47 -21.22
C LEU A 329 -8.93 -2.12 -21.79
N ASN A 330 -8.41 -3.15 -21.11
CA ASN A 330 -7.30 -3.96 -21.67
C ASN A 330 -7.78 -4.77 -22.88
N LEU A 331 -9.07 -5.07 -22.93
CA LEU A 331 -9.63 -5.71 -24.10
C LEU A 331 -9.84 -4.68 -25.19
N PHE A 332 -10.52 -3.58 -24.85
CA PHE A 332 -10.80 -2.50 -25.81
C PHE A 332 -9.57 -2.03 -26.58
N SER A 333 -8.48 -1.82 -25.84
CA SER A 333 -7.22 -1.28 -26.39
C SER A 333 -6.46 -2.26 -27.29
N ARG A 334 -6.89 -3.52 -27.29
CA ARG A 334 -6.37 -4.52 -28.22
C ARG A 334 -7.42 -5.03 -29.22
N GLY A 335 -8.47 -4.25 -29.41
CA GLY A 335 -9.44 -4.51 -30.47
C GLY A 335 -10.56 -5.47 -30.11
N VAL A 336 -10.80 -5.70 -28.82
CA VAL A 336 -11.85 -6.63 -28.39
C VAL A 336 -12.86 -5.84 -27.57
N ASP A 337 -14.14 -5.97 -27.96
CA ASP A 337 -15.21 -5.23 -27.30
C ASP A 337 -15.46 -5.82 -25.93
N PRO A 338 -15.31 -5.05 -24.87
CA PRO A 338 -15.53 -5.60 -23.53
C PRO A 338 -17.00 -5.80 -23.17
N GLN A 339 -17.88 -5.27 -24.03
CA GLN A 339 -19.34 -5.35 -23.85
C GLN A 339 -19.80 -4.55 -22.65
N ILE A 340 -19.01 -3.55 -22.28
CA ILE A 340 -19.26 -2.68 -21.14
C ILE A 340 -18.88 -1.30 -21.60
N ASP A 341 -19.62 -0.27 -21.21
CA ASP A 341 -19.30 1.08 -21.69
C ASP A 341 -18.37 1.84 -20.76
N PHE A 342 -17.20 2.24 -21.27
CA PHE A 342 -16.22 3.02 -20.52
C PHE A 342 -15.97 4.38 -21.19
N SER A 343 -16.91 4.80 -22.03
CA SER A 343 -16.86 6.04 -22.82
C SER A 343 -16.67 7.32 -22.00
N ASN A 344 -17.12 7.25 -20.75
CA ASN A 344 -16.95 8.30 -19.79
C ASN A 344 -16.38 7.81 -18.50
N ILE A 345 -15.08 7.55 -18.50
CA ILE A 345 -14.42 6.99 -17.32
C ILE A 345 -14.40 7.96 -16.15
N ASP A 346 -14.41 9.25 -16.42
CA ASP A 346 -14.51 10.24 -15.32
C ASP A 346 -15.78 10.17 -14.51
N GLU A 347 -16.91 9.94 -15.18
CA GLU A 347 -18.17 9.72 -14.48
C GLU A 347 -18.04 8.45 -13.66
N ILE A 348 -17.50 7.39 -14.26
CA ILE A 348 -17.34 6.13 -13.54
C ILE A 348 -16.52 6.38 -12.27
N ARG A 349 -15.38 7.01 -12.45
CA ARG A 349 -14.52 7.31 -11.31
C ARG A 349 -15.17 8.20 -10.26
N ARG A 350 -15.84 9.26 -10.68
CA ARG A 350 -16.41 10.16 -9.69
C ARG A 350 -17.46 9.40 -8.88
N THR A 351 -18.22 8.54 -9.54
CA THR A 351 -19.27 7.78 -8.86
C THR A 351 -18.67 6.76 -7.92
N VAL A 352 -17.68 6.01 -8.42
CA VAL A 352 -16.96 5.06 -7.55
C VAL A 352 -16.35 5.75 -6.34
N GLU A 353 -15.67 6.86 -6.52
CA GLU A 353 -15.09 7.57 -5.39
C GLU A 353 -16.16 8.06 -4.35
N TYR A 354 -17.29 8.57 -4.85
CA TYR A 354 -18.39 8.96 -4.01
C TYR A 354 -18.96 7.72 -3.25
N CYS A 355 -19.20 6.63 -3.97
CA CYS A 355 -19.78 5.43 -3.36
C CYS A 355 -18.82 4.76 -2.35
N ASN A 356 -17.56 4.59 -2.74
CA ASN A 356 -16.58 3.91 -1.85
C ASN A 356 -15.96 4.82 -0.80
N GLN A 357 -16.04 6.14 -1.01
CA GLN A 357 -15.26 7.12 -0.22
C GLN A 357 -13.75 6.79 -0.16
N LEU A 358 -13.24 6.22 -1.25
CA LEU A 358 -11.80 6.00 -1.45
C LEU A 358 -11.40 6.47 -2.84
N PRO A 359 -10.27 7.13 -2.98
CA PRO A 359 -9.84 7.67 -4.27
C PRO A 359 -9.28 6.61 -5.20
N VAL A 360 -9.43 6.88 -6.49
CA VAL A 360 -8.69 6.20 -7.51
C VAL A 360 -7.29 6.84 -7.52
N HIS A 361 -6.26 6.02 -7.40
CA HIS A 361 -4.87 6.51 -7.37
C HIS A 361 -4.47 7.20 -8.65
N GLU A 362 -3.61 8.19 -8.51
CA GLU A 362 -3.12 8.99 -9.61
C GLU A 362 -2.61 8.18 -10.77
N ARG A 363 -2.07 6.97 -10.52
CA ARG A 363 -1.45 6.15 -11.55
C ARG A 363 -2.28 4.92 -11.95
N HIS A 364 -3.51 4.85 -11.51
CA HIS A 364 -4.32 3.68 -11.82
C HIS A 364 -4.57 3.59 -13.33
N PRO A 365 -4.34 2.43 -13.93
CA PRO A 365 -4.60 2.30 -15.37
C PRO A 365 -5.94 2.87 -15.79
N TYR A 366 -5.88 3.64 -16.86
CA TYR A 366 -7.00 4.25 -17.59
C TYR A 366 -7.71 5.41 -16.88
N GLY A 367 -7.91 5.31 -15.57
CA GLY A 367 -8.74 6.28 -14.86
C GLY A 367 -7.96 7.25 -13.99
N GLY A 368 -6.68 7.00 -13.74
CA GLY A 368 -5.94 7.80 -12.75
C GLY A 368 -5.63 9.16 -13.34
N ASP A 369 -5.43 10.17 -12.48
CA ASP A 369 -5.19 11.57 -12.89
C ASP A 369 -4.06 11.76 -13.90
N LEU A 370 -2.96 11.02 -13.70
CA LEU A 370 -1.73 11.25 -14.47
C LEU A 370 -1.52 10.31 -15.65
N VAL A 371 -2.44 9.39 -15.93
CA VAL A 371 -2.13 8.36 -16.90
C VAL A 371 -2.10 8.85 -18.37
N TYR A 372 -2.72 9.98 -18.69
CA TYR A 372 -2.60 10.56 -20.04
C TYR A 372 -1.83 11.86 -20.06
N THR A 373 -0.87 12.01 -19.14
CA THR A 373 -0.08 13.23 -18.99
C THR A 373 1.34 12.94 -19.46
N ALA A 374 1.93 13.89 -20.21
CA ALA A 374 3.34 13.77 -20.61
C ALA A 374 4.08 15.00 -20.13
N PHE A 375 5.07 14.81 -19.28
CA PHE A 375 5.85 15.93 -18.75
C PHE A 375 7.14 16.10 -19.52
N SER A 376 7.55 15.06 -20.26
CA SER A 376 8.82 15.06 -20.95
C SER A 376 8.68 15.77 -22.30
N GLY A 377 9.51 16.78 -22.54
CA GLY A 377 9.53 17.41 -23.86
C GLY A 377 9.68 16.42 -25.04
N SER A 378 10.52 15.41 -24.89
CA SER A 378 10.72 14.45 -25.97
C SER A 378 9.47 13.61 -26.24
N HIS A 379 8.77 13.18 -25.19
CA HIS A 379 7.52 12.45 -25.38
C HIS A 379 6.48 13.33 -26.03
N GLN A 380 6.38 14.59 -25.61
CA GLN A 380 5.40 15.52 -26.18
C GLN A 380 5.61 15.69 -27.67
N ASP A 381 6.88 15.80 -28.08
CA ASP A 381 7.20 15.95 -29.50
C ASP A 381 6.77 14.68 -30.27
N ALA A 382 7.03 13.49 -29.73
CA ALA A 382 6.70 12.25 -30.42
C ALA A 382 5.21 12.05 -30.50
N ILE A 383 4.49 12.40 -29.44
CA ILE A 383 3.02 12.42 -29.42
C ILE A 383 2.48 13.31 -30.54
N ASN A 384 3.06 14.50 -30.68
CA ASN A 384 2.58 15.43 -31.69
C ASN A 384 2.89 14.94 -33.10
N LYS A 385 4.02 14.29 -33.29
CA LYS A 385 4.33 13.78 -34.62
C LYS A 385 3.34 12.67 -35.00
N GLY A 386 2.97 11.87 -34.01
CA GLY A 386 2.00 10.80 -34.19
C GLY A 386 0.64 11.34 -34.58
N LEU A 387 0.14 12.34 -33.85
CA LEU A 387 -1.16 12.91 -34.13
C LEU A 387 -1.20 13.59 -35.49
N ASP A 388 -0.07 14.18 -35.90
CA ASP A 388 0.01 14.84 -37.19
C ASP A 388 -0.05 13.84 -38.33
N ALA A 389 0.70 12.75 -38.21
CA ALA A 389 0.70 11.74 -39.27
C ALA A 389 -0.67 11.08 -39.36
N MSE A 390 -1.38 11.00 -38.24
CA MSE A 390 -2.75 10.48 -38.24
C MSE A 390 -3.65 11.43 -39.05
O MSE A 390 -4.48 10.98 -39.83
CB MSE A 390 -3.31 10.32 -36.82
CG MSE A 390 -2.94 9.00 -36.12
SE MSE A 390 -3.85 8.89 -34.42
CE MSE A 390 -5.71 8.62 -35.04
N LYS A 391 -3.50 12.74 -38.80
CA LYS A 391 -4.27 13.78 -39.48
C LYS A 391 -3.95 13.82 -40.97
N LEU A 392 -2.71 13.54 -41.34
CA LEU A 392 -2.34 13.43 -42.76
C LEU A 392 -3.02 12.23 -43.41
N ASP A 393 -2.85 11.04 -42.85
CA ASP A 393 -3.52 9.84 -43.38
C ASP A 393 -5.06 9.99 -43.46
N ALA A 394 -5.64 10.75 -42.53
CA ALA A 394 -7.10 10.96 -42.45
C ALA A 394 -7.63 11.97 -43.48
N ASP A 395 -6.87 13.03 -43.75
CA ASP A 395 -7.23 14.03 -44.76
C ASP A 395 -7.15 13.33 -46.12
N ALA A 396 -6.09 12.54 -46.31
CA ALA A 396 -5.87 11.82 -47.55
C ALA A 396 -6.95 10.75 -47.87
N ALA A 397 -7.65 10.23 -46.85
CA ALA A 397 -8.67 9.18 -47.06
C ALA A 397 -10.10 9.68 -46.89
N ASP A 398 -10.25 11.01 -46.81
CA ASP A 398 -11.53 11.69 -46.58
C ASP A 398 -12.26 11.28 -45.29
N CYS A 399 -11.51 10.76 -44.30
CA CYS A 399 -12.05 10.26 -43.03
C CYS A 399 -11.91 11.25 -41.86
N ASP A 400 -12.69 11.04 -40.82
CA ASP A 400 -12.49 11.73 -39.56
C ASP A 400 -11.28 11.05 -38.91
N VAL A 401 -10.37 11.85 -38.35
CA VAL A 401 -9.21 11.27 -37.63
C VAL A 401 -9.69 10.42 -36.47
N ASP A 402 -10.80 10.81 -35.86
CA ASP A 402 -11.38 10.11 -34.73
C ASP A 402 -11.92 8.71 -35.04
N ASP A 403 -11.93 8.31 -36.31
CA ASP A 403 -12.34 6.94 -36.69
C ASP A 403 -11.16 6.12 -37.18
N MSE A 404 -9.98 6.72 -37.24
CA MSE A 404 -8.82 6.08 -37.84
C MSE A 404 -8.09 5.30 -36.77
O MSE A 404 -8.13 5.66 -35.61
CB MSE A 404 -7.84 7.12 -38.38
CG MSE A 404 -8.44 8.00 -39.45
SE MSE A 404 -8.21 7.27 -41.20
CE MSE A 404 -6.56 6.08 -41.04
N LEU A 405 -7.39 4.26 -37.19
CA LEU A 405 -6.50 3.53 -36.31
C LEU A 405 -5.65 4.48 -35.44
N TRP A 406 -5.69 4.29 -34.13
CA TRP A 406 -4.88 5.10 -33.21
C TRP A 406 -3.43 4.70 -33.31
N GLN A 407 -2.55 5.67 -33.59
CA GLN A 407 -1.12 5.43 -33.79
C GLN A 407 -0.29 6.58 -33.24
N VAL A 408 -0.12 6.61 -31.92
CA VAL A 408 0.50 7.72 -31.19
C VAL A 408 1.43 7.14 -30.12
N PRO A 409 2.72 7.41 -30.22
CA PRO A 409 3.68 6.97 -29.20
C PRO A 409 3.28 7.37 -27.80
N TYR A 410 3.43 6.48 -26.85
CA TYR A 410 3.30 6.78 -25.41
C TYR A 410 1.84 6.83 -24.94
N LEU A 411 0.89 6.82 -25.87
CA LEU A 411 -0.51 6.84 -25.51
C LEU A 411 -1.14 5.55 -26.05
N PRO A 412 -1.35 4.57 -25.20
CA PRO A 412 -1.96 3.32 -25.68
C PRO A 412 -3.34 3.50 -26.30
N ILE A 413 -4.15 4.41 -25.76
CA ILE A 413 -5.45 4.74 -26.37
C ILE A 413 -5.62 6.22 -26.55
N ASP A 414 -6.53 6.60 -27.44
CA ASP A 414 -7.03 7.96 -27.48
C ASP A 414 -7.76 8.27 -26.19
N PRO A 415 -7.26 9.21 -25.39
CA PRO A 415 -7.97 9.60 -24.16
C PRO A 415 -9.42 10.02 -24.42
N ARG A 416 -9.73 10.55 -25.60
CA ARG A 416 -11.11 10.92 -25.95
C ARG A 416 -12.06 9.72 -25.99
N ASP A 417 -11.54 8.54 -26.30
CA ASP A 417 -12.39 7.35 -26.34
C ASP A 417 -12.94 6.93 -24.97
N VAL A 418 -12.37 7.48 -23.89
CA VAL A 418 -12.90 7.26 -22.54
C VAL A 418 -13.28 8.60 -21.86
N GLY A 419 -13.47 9.63 -22.69
CA GLY A 419 -13.98 10.90 -22.20
C GLY A 419 -12.91 11.81 -21.62
N ARG A 420 -11.64 11.45 -21.81
CA ARG A 420 -10.52 12.19 -21.20
C ARG A 420 -9.79 12.98 -22.27
N THR A 421 -8.73 13.66 -21.86
CA THR A 421 -7.89 14.42 -22.80
C THR A 421 -6.41 14.19 -22.48
N TYR A 422 -5.63 14.13 -23.54
CA TYR A 422 -4.17 14.25 -23.43
C TYR A 422 -3.75 15.64 -22.88
N GLU A 423 -2.93 15.64 -21.84
CA GLU A 423 -2.42 16.89 -21.26
C GLU A 423 -0.88 16.94 -21.38
N ALA A 424 -0.40 17.79 -22.28
CA ALA A 424 1.02 18.15 -22.35
C ALA A 424 1.33 19.25 -21.33
N VAL A 425 1.76 18.86 -20.14
CA VAL A 425 1.94 19.82 -19.06
C VAL A 425 3.36 20.40 -19.07
N ILE A 426 3.44 21.72 -18.87
CA ILE A 426 4.72 22.46 -18.84
C ILE A 426 5.20 22.74 -17.40
N LYS A 434 5.47 23.89 -0.29
CA LYS A 434 5.63 22.46 0.05
C LYS A 434 7.04 22.17 0.59
N GLY A 435 7.27 22.54 1.85
CA GLY A 435 8.58 22.37 2.49
C GLY A 435 8.88 20.97 3.01
N GLY A 436 7.85 20.17 3.29
CA GLY A 436 8.03 18.86 3.93
C GLY A 436 8.33 18.96 5.44
N VAL A 437 7.70 19.93 6.08
CA VAL A 437 7.92 20.23 7.48
C VAL A 437 7.64 19.05 8.41
N ALA A 438 6.46 18.48 8.32
CA ALA A 438 6.07 17.39 9.17
C ALA A 438 7.07 16.25 9.07
N TYR A 439 7.37 15.83 7.84
CA TYR A 439 8.29 14.70 7.62
C TYR A 439 9.69 15.00 8.16
N ILE A 440 10.23 16.17 7.87
CA ILE A 440 11.61 16.47 8.24
C ILE A 440 11.72 16.59 9.75
N MSE A 441 10.76 17.27 10.35
CA MSE A 441 10.81 17.50 11.79
C MSE A 441 10.64 16.18 12.58
O MSE A 441 11.30 16.00 13.62
CB MSE A 441 9.76 18.53 12.25
CG MSE A 441 9.97 19.96 11.72
SE MSE A 441 11.74 20.69 12.15
CE MSE A 441 11.50 20.56 13.99
N LYS A 442 9.81 15.26 12.09
CA LYS A 442 9.68 13.97 12.76
C LYS A 442 10.88 13.08 12.47
N THR A 443 11.27 12.96 11.20
CA THR A 443 12.39 12.08 10.84
C THR A 443 13.73 12.53 11.44
N ASP A 444 14.10 13.80 11.31
CA ASP A 444 15.42 14.25 11.72
C ASP A 444 15.49 14.67 13.19
N HIS A 445 14.35 15.06 13.79
CA HIS A 445 14.37 15.65 15.16
C HIS A 445 13.41 15.07 16.18
N GLY A 446 12.76 13.95 15.85
CA GLY A 446 11.82 13.26 16.72
C GLY A 446 10.56 14.02 17.14
N LEU A 447 10.23 15.09 16.43
CA LEU A 447 9.09 15.95 16.76
C LEU A 447 7.89 15.76 15.80
N SER A 448 6.74 15.34 16.34
CA SER A 448 5.48 15.38 15.60
C SER A 448 4.72 16.62 15.96
N LEU A 449 4.81 17.62 15.09
CA LEU A 449 4.15 18.90 15.30
C LEU A 449 2.64 18.80 15.14
N PRO A 450 1.87 19.41 16.04
CA PRO A 450 0.42 19.52 15.82
C PRO A 450 0.18 20.18 14.50
N ARG A 451 -0.89 19.75 13.83
CA ARG A 451 -1.17 20.19 12.45
C ARG A 451 -1.12 21.72 12.30
N ARG A 452 -1.74 22.45 13.20
CA ARG A 452 -1.77 23.91 13.08
C ARG A 452 -0.42 24.58 13.31
N LEU A 453 0.39 23.97 14.16
CA LEU A 453 1.78 24.40 14.28
C LEU A 453 2.55 24.15 12.99
N GLN A 454 2.34 23.00 12.35
CA GLN A 454 2.98 22.70 11.05
C GLN A 454 2.75 23.85 10.09
N ILE A 455 1.49 24.28 10.01
CA ILE A 455 1.06 25.39 9.13
C ILE A 455 1.78 26.70 9.49
N GLU A 456 1.64 27.11 10.75
CA GLU A 456 2.31 28.30 11.30
C GLU A 456 3.79 28.30 10.90
N PHE A 457 4.50 27.24 11.26
CA PHE A 457 5.93 27.17 10.98
C PHE A 457 6.29 27.11 9.50
N SER A 458 5.45 26.50 8.67
CA SER A 458 5.83 26.27 7.26
C SER A 458 5.51 27.47 6.37
N GLN A 459 4.83 28.47 6.94
CA GLN A 459 4.63 29.79 6.31
C GLN A 459 5.80 30.72 6.68
N VAL A 460 6.30 30.60 7.92
CA VAL A 460 7.49 31.32 8.36
C VAL A 460 8.72 30.85 7.58
N ILE A 461 8.64 29.62 7.05
CA ILE A 461 9.73 29.01 6.30
C ILE A 461 9.65 29.30 4.80
N GLN A 462 8.43 29.43 4.27
CA GLN A 462 8.27 29.86 2.89
C GLN A 462 8.95 31.24 2.71
N LYS A 463 8.84 32.09 3.73
CA LYS A 463 9.36 33.46 3.70
C LYS A 463 10.90 33.59 3.62
N ILE A 464 11.64 32.48 3.77
CA ILE A 464 13.11 32.52 3.71
C ILE A 464 13.63 32.29 2.28
N GLU A 474 14.93 26.55 -2.06
CA GLU A 474 14.33 25.85 -0.92
C GLU A 474 15.22 25.92 0.32
N VAL A 475 14.61 25.85 1.50
CA VAL A 475 15.41 25.79 2.73
C VAL A 475 15.81 24.33 2.96
N SER A 476 17.08 24.10 3.29
CA SER A 476 17.56 22.75 3.57
C SER A 476 16.91 22.23 4.86
N PRO A 477 17.02 20.93 5.15
CA PRO A 477 16.69 20.42 6.46
C PRO A 477 17.48 21.10 7.59
N LYS A 478 18.80 21.22 7.43
CA LYS A 478 19.65 21.91 8.41
C LYS A 478 19.22 23.37 8.61
N GLU A 479 18.85 24.06 7.53
CA GLU A 479 18.34 25.45 7.61
C GLU A 479 16.99 25.56 8.30
N MSE A 480 16.12 24.57 8.05
CA MSE A 480 14.79 24.50 8.65
C MSE A 480 14.85 24.37 10.19
O MSE A 480 14.11 25.05 10.89
CB MSE A 480 14.02 23.30 8.09
CG MSE A 480 12.74 23.02 8.83
SE MSE A 480 11.68 21.55 8.04
CE MSE A 480 11.69 22.13 6.11
N TRP A 481 15.70 23.48 10.68
CA TRP A 481 15.92 23.29 12.10
C TRP A 481 16.44 24.56 12.77
N ASP A 482 17.40 25.23 12.14
CA ASP A 482 17.98 26.46 12.69
C ASP A 482 16.89 27.47 12.85
N ALA A 483 15.99 27.57 11.88
CA ALA A 483 14.87 28.48 12.00
C ALA A 483 13.85 28.06 13.07
N PHE A 484 13.65 26.76 13.25
CA PHE A 484 12.71 26.26 14.25
C PHE A 484 13.19 26.61 15.63
N ALA A 485 14.45 26.26 15.90
CA ALA A 485 15.11 26.62 17.13
C ALA A 485 15.07 28.13 17.39
N GLU A 486 15.33 28.93 16.38
CA GLU A 486 15.43 30.38 16.57
C GLU A 486 14.08 30.98 16.93
N GLU A 487 13.00 30.36 16.46
CA GLU A 487 11.66 30.86 16.78
C GLU A 487 11.05 30.27 18.06
N TYR A 488 11.26 28.98 18.30
CA TYR A 488 10.53 28.31 19.36
C TYR A 488 11.42 27.96 20.55
N LEU A 489 12.70 27.66 20.34
CA LEU A 489 13.55 27.11 21.39
C LEU A 489 14.51 28.12 22.04
N ALA A 490 15.07 29.01 21.25
CA ALA A 490 16.17 29.84 21.71
C ALA A 490 15.79 31.07 22.49
N PRO A 491 14.74 31.82 22.09
CA PRO A 491 14.49 33.12 22.71
C PRO A 491 14.30 33.01 24.22
N VAL A 492 14.82 34.04 24.87
CA VAL A 492 14.99 34.09 26.30
C VAL A 492 14.47 35.49 26.78
N ARG A 493 13.96 36.29 25.83
CA ARG A 493 13.35 37.60 26.09
C ARG A 493 12.07 37.71 25.28
N PRO A 494 11.02 38.30 25.84
CA PRO A 494 11.02 38.93 27.16
C PRO A 494 10.97 38.01 28.39
N LEU A 495 10.76 36.71 28.23
CA LEU A 495 10.55 35.82 29.38
C LEU A 495 11.64 34.74 29.38
N GLU A 496 12.35 34.58 30.49
CA GLU A 496 13.19 33.42 30.73
C GLU A 496 12.80 32.75 32.03
N ARG A 497 12.65 31.42 32.01
CA ARG A 497 12.36 30.64 33.19
C ARG A 497 13.67 29.98 33.68
N ILE A 498 14.12 30.36 34.88
CA ILE A 498 15.38 29.89 35.43
C ILE A 498 15.17 28.55 36.15
N ARG A 499 14.28 28.57 37.13
CA ARG A 499 13.94 27.38 37.90
C ARG A 499 12.58 27.56 38.54
N GLN A 500 12.04 26.49 39.13
CA GLN A 500 10.75 26.58 39.82
C GLN A 500 10.51 25.41 40.77
N HIS A 501 9.67 25.64 41.78
CA HIS A 501 9.25 24.62 42.74
C HIS A 501 7.76 24.30 42.53
N VAL A 502 7.43 23.05 42.23
CA VAL A 502 6.05 22.63 42.04
C VAL A 502 5.57 21.94 43.31
N ASP A 503 4.52 22.49 43.90
CA ASP A 503 3.92 21.89 45.10
C ASP A 503 2.58 21.25 44.66
N ALA A 504 2.61 19.95 44.36
CA ALA A 504 1.44 19.31 43.77
C ALA A 504 0.53 18.75 44.88
N ALA A 505 -0.78 18.90 44.73
CA ALA A 505 -1.69 18.34 45.73
C ALA A 505 -1.49 16.85 45.75
N ASP A 506 -1.57 16.25 46.92
CA ASP A 506 -1.40 14.81 47.06
C ASP A 506 -2.63 14.06 46.51
N ASP A 507 -3.81 14.54 46.92
CA ASP A 507 -5.09 13.90 46.61
C ASP A 507 -5.62 14.39 45.28
N ASP A 508 -6.41 13.56 44.61
CA ASP A 508 -6.97 13.93 43.31
C ASP A 508 -7.96 15.08 43.44
N GLY A 509 -7.91 16.03 42.52
CA GLY A 509 -8.80 17.18 42.58
C GLY A 509 -8.30 18.34 43.42
N GLY A 510 -7.30 18.13 44.28
CA GLY A 510 -6.70 19.21 45.04
C GLY A 510 -5.92 20.21 44.18
N THR A 511 -5.38 21.25 44.83
CA THR A 511 -4.67 22.34 44.11
C THR A 511 -3.18 22.04 43.90
N THR A 512 -2.64 22.59 42.83
CA THR A 512 -1.18 22.61 42.61
C THR A 512 -0.75 24.08 42.63
N SER A 513 0.30 24.37 43.41
CA SER A 513 0.95 25.69 43.42
C SER A 513 2.34 25.64 42.79
N ILE A 514 2.76 26.79 42.28
CA ILE A 514 4.12 26.92 41.78
C ILE A 514 4.74 28.25 42.20
N THR A 515 6.03 28.21 42.47
CA THR A 515 6.81 29.41 42.62
C THR A 515 8.00 29.28 41.64
N ALA A 516 8.19 30.28 40.79
CA ALA A 516 9.24 30.27 39.79
C ALA A 516 10.08 31.51 39.85
N THR A 517 11.35 31.33 39.57
CA THR A 517 12.28 32.43 39.38
C THR A 517 12.34 32.62 37.87
N VAL A 518 11.93 33.77 37.39
CA VAL A 518 12.00 34.09 35.98
C VAL A 518 12.78 35.38 35.82
N LYS A 519 13.14 35.71 34.57
CA LYS A 519 13.62 37.02 34.22
C LYS A 519 12.67 37.64 33.18
N ILE A 520 12.17 38.84 33.45
CA ILE A 520 11.45 39.63 32.46
C ILE A 520 12.38 40.67 31.89
N ASN A 521 12.62 40.64 30.58
CA ASN A 521 13.60 41.54 29.95
C ASN A 521 14.88 41.66 30.79
N GLY A 522 15.41 40.52 31.20
CA GLY A 522 16.67 40.44 31.92
C GLY A 522 16.57 40.56 33.43
N VAL A 523 15.37 40.88 33.94
CA VAL A 523 15.21 41.30 35.34
C VAL A 523 14.67 40.15 36.16
N GLU A 524 15.51 39.65 37.08
CA GLU A 524 15.13 38.53 37.93
C GLU A 524 13.96 38.87 38.81
N THR A 525 12.96 38.00 38.80
CA THR A 525 11.73 38.26 39.53
C THR A 525 11.09 36.93 39.91
N GLU A 526 10.46 36.92 41.06
CA GLU A 526 9.68 35.76 41.49
C GLU A 526 8.25 35.91 41.00
N ILE A 527 7.66 34.80 40.54
CA ILE A 527 6.21 34.75 40.26
C ILE A 527 5.67 33.51 40.96
N SER A 528 4.38 33.52 41.24
CA SER A 528 3.75 32.42 41.97
C SER A 528 2.25 32.33 41.67
N GLY A 529 1.72 31.11 41.71
CA GLY A 529 0.36 30.84 41.25
C GLY A 529 -0.17 29.47 41.62
N SER A 530 -1.49 29.34 41.53
CA SER A 530 -2.21 28.09 41.78
C SER A 530 -3.17 27.69 40.65
N GLY A 531 -3.51 26.40 40.62
CA GLY A 531 -4.42 25.83 39.66
C GLY A 531 -4.58 24.31 39.81
N ASN A 532 -5.31 23.71 38.86
CA ASN A 532 -5.60 22.27 38.88
C ASN A 532 -4.39 21.42 38.51
N GLY A 533 -3.36 22.05 37.96
CA GLY A 533 -2.11 21.37 37.66
C GLY A 533 -0.95 22.34 37.50
N PRO A 534 0.22 21.81 37.22
CA PRO A 534 1.43 22.66 37.19
C PRO A 534 1.40 23.68 36.04
N LEU A 535 0.79 23.29 34.94
CA LEU A 535 0.73 24.12 33.77
C LEU A 535 -0.24 25.27 33.99
N ALA A 536 -1.38 24.97 34.60
CA ALA A 536 -2.33 26.03 34.97
C ALA A 536 -1.73 26.96 36.01
N ALA A 537 -1.10 26.39 37.03
CA ALA A 537 -0.48 27.19 38.10
C ALA A 537 0.50 28.22 37.53
N PHE A 538 1.31 27.81 36.57
CA PHE A 538 2.36 28.64 35.97
C PHE A 538 1.79 29.72 35.06
N VAL A 539 0.75 29.40 34.28
CA VAL A 539 0.09 30.43 33.49
C VAL A 539 -0.58 31.48 34.40
N HIS A 540 -1.17 31.06 35.50
CA HIS A 540 -1.82 32.04 36.37
C HIS A 540 -0.76 32.89 37.05
N ALA A 541 0.42 32.30 37.32
CA ALA A 541 1.53 33.01 37.95
C ALA A 541 2.05 34.13 37.08
N LEU A 542 2.02 33.91 35.78
CA LEU A 542 2.54 34.87 34.82
C LEU A 542 1.65 36.12 34.69
N ALA A 543 0.41 35.97 35.11
CA ALA A 543 -0.55 37.08 35.09
C ALA A 543 -0.04 38.27 35.92
N ASP A 544 0.61 37.98 37.04
CA ASP A 544 1.13 39.03 37.92
C ASP A 544 2.23 39.90 37.32
N VAL A 545 2.78 39.43 36.22
CA VAL A 545 3.95 40.03 35.61
C VAL A 545 3.59 40.60 34.22
N GLY A 546 2.28 40.70 33.93
CA GLY A 546 1.79 41.33 32.70
C GLY A 546 1.61 40.43 31.48
N PHE A 547 1.68 39.09 31.66
CA PHE A 547 1.39 38.15 30.58
C PHE A 547 0.08 37.41 30.92
N ASP A 548 -1.01 37.77 30.28
CA ASP A 548 -2.28 37.06 30.40
C ASP A 548 -2.29 35.91 29.37
N VAL A 549 -2.12 34.69 29.85
CA VAL A 549 -1.96 33.52 28.98
C VAL A 549 -3.12 32.58 29.24
N ALA A 550 -3.76 32.13 28.16
CA ALA A 550 -4.81 31.14 28.30
C ALA A 550 -4.47 29.96 27.42
N VAL A 551 -4.43 28.78 28.04
CA VAL A 551 -4.18 27.55 27.29
C VAL A 551 -5.43 27.13 26.52
N LEU A 552 -5.31 27.19 25.19
CA LEU A 552 -6.35 26.79 24.23
C LEU A 552 -6.22 25.33 23.80
N ASP A 553 -4.98 24.92 23.53
CA ASP A 553 -4.65 23.53 23.21
C ASP A 553 -3.27 23.15 23.76
N TYR A 554 -3.04 21.86 23.86
CA TYR A 554 -1.84 21.32 24.48
C TYR A 554 -1.66 19.90 24.00
N TYR A 555 -0.42 19.54 23.65
CA TYR A 555 -0.09 18.18 23.23
C TYR A 555 1.29 17.85 23.75
N GLU A 556 1.52 16.59 24.07
CA GLU A 556 2.81 16.15 24.53
C GLU A 556 3.05 14.72 24.06
N HIS A 557 4.30 14.41 23.72
CA HIS A 557 4.67 13.07 23.32
C HIS A 557 6.07 12.76 23.78
N ALA A 558 6.31 11.47 23.95
CA ALA A 558 7.61 10.96 24.33
C ALA A 558 8.52 11.09 23.13
N MSE A 559 9.82 11.21 23.37
CA MSE A 559 10.78 11.32 22.28
C MSE A 559 11.75 10.18 22.21
O MSE A 559 12.56 10.12 21.31
CB MSE A 559 11.52 12.62 22.36
CG MSE A 559 10.91 13.62 21.46
SE MSE A 559 11.53 15.20 21.96
CE MSE A 559 13.16 15.19 20.76
N SER A 560 11.70 9.27 23.16
CA SER A 560 12.26 7.94 22.92
C SER A 560 11.52 6.87 23.71
N ALA A 561 11.95 5.64 23.55
CA ALA A 561 11.51 4.56 24.44
C ALA A 561 12.19 4.78 25.81
N GLY A 562 11.70 4.04 26.80
CA GLY A 562 12.30 4.01 28.11
C GLY A 562 11.57 4.84 29.14
N ASP A 563 11.68 4.41 30.39
CA ASP A 563 11.02 5.08 31.53
C ASP A 563 11.91 6.22 32.07
N ASP A 564 12.32 7.14 31.19
CA ASP A 564 13.22 8.27 31.53
C ASP A 564 13.37 9.32 30.40
N ALA A 565 13.11 8.90 29.16
CA ALA A 565 13.39 9.66 27.95
C ALA A 565 12.75 11.06 27.95
N GLN A 566 13.06 11.80 26.89
CA GLN A 566 12.60 13.18 26.79
C GLN A 566 11.14 13.30 26.37
N ALA A 567 10.56 14.46 26.69
CA ALA A 567 9.23 14.81 26.29
C ALA A 567 9.27 16.07 25.45
N ALA A 568 8.45 16.09 24.40
CA ALA A 568 8.15 17.29 23.66
C ALA A 568 6.74 17.75 24.02
N ALA A 569 6.62 19.00 24.40
CA ALA A 569 5.31 19.60 24.66
C ALA A 569 5.04 20.75 23.67
N TYR A 570 3.79 20.86 23.27
CA TYR A 570 3.34 21.90 22.37
C TYR A 570 2.16 22.59 23.04
N VAL A 571 2.23 23.91 23.15
CA VAL A 571 1.17 24.69 23.78
C VAL A 571 0.73 25.77 22.82
N GLU A 572 -0.58 25.86 22.65
CA GLU A 572 -1.21 26.95 21.92
C GLU A 572 -1.93 27.76 22.94
N ALA A 573 -1.62 29.03 22.98
CA ALA A 573 -2.17 29.91 24.01
C ALA A 573 -2.57 31.27 23.43
N SER A 574 -3.60 31.88 24.01
CA SER A 574 -3.92 33.29 23.71
C SER A 574 -3.13 34.13 24.70
N VAL A 575 -2.36 35.08 24.19
CA VAL A 575 -1.39 35.82 25.01
C VAL A 575 -1.51 37.33 24.81
N THR A 576 -1.88 38.05 25.87
CA THR A 576 -1.92 39.52 25.85
C THR A 576 -0.76 40.15 26.67
N ILE A 577 -0.05 41.10 26.02
CA ILE A 577 1.23 41.70 26.47
C ILE A 577 2.31 40.66 26.67
N SER A 615 -4.37 40.69 21.75
CA SER A 615 -4.30 39.24 21.97
C SER A 615 -3.82 38.48 20.71
N LYS A 616 -2.67 37.78 20.81
CA LYS A 616 -2.19 36.92 19.74
C LYS A 616 -2.27 35.45 20.19
N THR A 617 -2.63 34.60 19.24
CA THR A 617 -2.78 33.18 19.49
C THR A 617 -1.54 32.58 18.83
N VAL A 618 -0.75 31.88 19.64
CA VAL A 618 0.58 31.41 19.20
C VAL A 618 0.87 30.04 19.76
N TRP A 619 1.72 29.31 19.06
CA TRP A 619 2.29 28.08 19.56
C TRP A 619 3.64 28.29 20.27
N GLY A 620 3.85 27.52 21.33
CA GLY A 620 5.16 27.29 21.94
C GLY A 620 5.51 25.82 21.95
N VAL A 621 6.83 25.54 21.88
CA VAL A 621 7.37 24.23 21.98
C VAL A 621 8.39 24.16 23.12
N GLY A 622 8.25 23.12 23.95
CA GLY A 622 9.18 22.82 25.01
C GLY A 622 9.72 21.42 24.90
N ILE A 623 11.01 21.24 25.15
CA ILE A 623 11.63 19.92 25.19
C ILE A 623 12.37 19.75 26.51
N ALA A 624 12.15 18.63 27.19
CA ALA A 624 12.76 18.40 28.47
C ALA A 624 12.67 16.94 28.91
N PRO A 625 13.54 16.52 29.82
CA PRO A 625 13.44 15.16 30.38
C PRO A 625 12.18 14.90 31.20
N SER A 626 11.47 15.94 31.63
CA SER A 626 10.29 15.76 32.46
C SER A 626 9.07 16.25 31.69
N ILE A 627 7.95 15.56 31.83
CA ILE A 627 6.70 15.99 31.20
C ILE A 627 6.32 17.37 31.71
N THR A 628 6.54 17.59 33.00
CA THR A 628 6.15 18.82 33.60
C THR A 628 6.97 19.98 33.08
N THR A 629 8.29 19.84 33.05
CA THR A 629 9.17 20.92 32.63
C THR A 629 9.01 21.22 31.15
N ALA A 630 8.83 20.21 30.31
CA ALA A 630 8.61 20.46 28.89
C ALA A 630 7.38 21.34 28.69
N SER A 631 6.34 21.05 29.45
CA SER A 631 5.12 21.86 29.34
C SER A 631 5.36 23.31 29.72
N LEU A 632 6.13 23.53 30.77
CA LEU A 632 6.44 24.91 31.20
C LEU A 632 7.32 25.63 30.18
N ARG A 633 8.28 24.93 29.58
CA ARG A 633 9.11 25.55 28.56
C ARG A 633 8.26 25.91 27.36
N ALA A 634 7.24 25.11 27.07
CA ALA A 634 6.38 25.39 25.92
C ALA A 634 5.57 26.65 26.17
N VAL A 635 5.11 26.89 27.39
CA VAL A 635 4.46 28.18 27.73
C VAL A 635 5.40 29.37 27.53
N VAL A 636 6.65 29.23 28.00
CA VAL A 636 7.62 30.31 27.82
C VAL A 636 7.85 30.57 26.33
N SER A 637 7.97 29.52 25.54
CA SER A 637 8.17 29.62 24.12
C SER A 637 7.03 30.41 23.46
N ALA A 638 5.80 30.10 23.85
CA ALA A 638 4.61 30.77 23.33
C ALA A 638 4.63 32.25 23.66
N VAL A 639 4.90 32.58 24.93
CA VAL A 639 4.92 33.97 25.35
C VAL A 639 5.95 34.75 24.57
N ASN A 640 7.13 34.17 24.33
CA ASN A 640 8.19 34.85 23.58
C ASN A 640 7.85 35.04 22.09
N ARG A 641 7.16 34.08 21.49
CA ARG A 641 6.64 34.27 20.12
C ARG A 641 5.59 35.36 20.04
N ALA A 642 4.74 35.47 21.04
CA ALA A 642 3.71 36.49 21.04
C ALA A 642 4.33 37.89 20.94
N ALA A 643 5.51 38.07 21.51
CA ALA A 643 6.10 39.40 21.65
C ALA A 643 6.95 39.81 20.46
N THR B 18 -22.35 11.23 -21.34
CA THR B 18 -23.07 10.32 -20.36
C THR B 18 -22.66 8.87 -20.62
N ILE B 19 -23.15 7.95 -19.80
CA ILE B 19 -22.86 6.52 -20.03
C ILE B 19 -24.08 5.90 -20.72
N VAL B 20 -23.80 5.18 -21.82
CA VAL B 20 -24.81 4.56 -22.69
C VAL B 20 -24.74 3.04 -22.53
N LYS B 21 -25.81 2.46 -22.04
CA LYS B 21 -25.91 1.02 -21.90
C LYS B 21 -25.62 0.32 -23.25
N PRO B 22 -24.63 -0.55 -23.29
CA PRO B 22 -24.43 -1.36 -24.49
C PRO B 22 -25.73 -1.99 -24.96
N ALA B 23 -26.03 -1.90 -26.26
CA ALA B 23 -27.27 -2.39 -26.80
C ALA B 23 -27.13 -3.08 -28.14
N GLY B 24 -25.91 -3.30 -28.62
CA GLY B 24 -25.71 -4.03 -29.83
C GLY B 24 -25.96 -5.53 -29.64
N PRO B 25 -25.89 -6.29 -30.72
CA PRO B 25 -26.20 -7.70 -30.63
C PRO B 25 -25.09 -8.46 -29.87
N PRO B 26 -25.43 -9.59 -29.26
CA PRO B 26 -24.39 -10.45 -28.70
C PRO B 26 -23.55 -10.96 -29.85
N ARG B 27 -22.35 -11.46 -29.56
CA ARG B 27 -21.50 -12.06 -30.58
C ARG B 27 -22.18 -13.33 -31.10
N VAL B 28 -21.84 -13.71 -32.32
CA VAL B 28 -22.26 -14.97 -32.87
C VAL B 28 -21.52 -16.07 -32.09
N GLY B 29 -22.27 -16.97 -31.46
CA GLY B 29 -21.68 -18.01 -30.65
C GLY B 29 -21.76 -17.76 -29.16
N GLN B 30 -22.21 -16.57 -28.77
CA GLN B 30 -22.28 -16.21 -27.38
C GLN B 30 -23.33 -17.06 -26.70
N PRO B 31 -22.96 -17.69 -25.59
CA PRO B 31 -23.91 -18.56 -24.87
C PRO B 31 -25.12 -17.79 -24.38
N SER B 32 -26.24 -18.49 -24.41
CA SER B 32 -27.50 -17.93 -23.94
C SER B 32 -27.43 -17.51 -22.48
N TRP B 33 -26.58 -18.15 -21.68
CA TRP B 33 -26.42 -17.72 -20.27
C TRP B 33 -25.62 -16.41 -20.08
N ASN B 34 -25.06 -15.86 -21.17
CA ASN B 34 -24.35 -14.55 -21.17
C ASN B 34 -25.19 -13.51 -21.96
N PRO B 35 -25.98 -12.70 -21.27
CA PRO B 35 -26.82 -11.68 -21.92
C PRO B 35 -26.14 -10.36 -22.22
N GLN B 36 -24.81 -10.30 -22.11
CA GLN B 36 -24.10 -9.09 -22.48
C GLN B 36 -24.40 -8.64 -23.92
N ARG B 37 -24.33 -7.31 -24.10
CA ARG B 37 -24.55 -6.69 -25.41
C ARG B 37 -23.33 -5.99 -25.95
N ALA B 38 -23.19 -5.90 -27.28
CA ALA B 38 -22.06 -5.17 -27.85
C ALA B 38 -22.13 -3.69 -27.43
N SER B 39 -20.99 -3.15 -27.02
CA SER B 39 -20.91 -1.73 -26.70
C SER B 39 -20.73 -0.94 -28.01
N SER B 40 -20.75 0.37 -27.90
CA SER B 40 -20.45 1.21 -29.05
C SER B 40 -19.04 1.85 -28.95
N MSE B 41 -18.16 1.29 -28.11
CA MSE B 41 -16.76 1.74 -28.13
C MSE B 41 -16.14 1.48 -29.50
O MSE B 41 -16.38 0.43 -30.11
CB MSE B 41 -15.92 1.06 -27.09
CG MSE B 41 -16.61 0.86 -25.79
SE MSE B 41 -15.53 1.06 -24.25
CE MSE B 41 -15.89 2.87 -24.40
N PRO B 42 -15.31 2.42 -29.96
CA PRO B 42 -14.63 2.27 -31.23
C PRO B 42 -13.44 1.31 -31.18
N VAL B 43 -13.75 0.03 -31.04
CA VAL B 43 -12.76 -1.03 -30.95
C VAL B 43 -12.00 -1.24 -32.26
N ASN B 44 -12.61 -0.88 -33.38
CA ASN B 44 -11.94 -0.93 -34.67
C ASN B 44 -10.71 -0.01 -34.79
N ARG B 45 -10.54 0.94 -33.88
CA ARG B 45 -9.34 1.80 -33.85
C ARG B 45 -8.12 1.13 -33.18
N TYR B 46 -8.30 -0.09 -32.68
CA TYR B 46 -7.24 -0.84 -31.95
C TYR B 46 -7.14 -2.25 -32.51
N ARG B 47 -5.92 -2.78 -32.57
CA ARG B 47 -5.60 -4.06 -33.18
C ARG B 47 -4.97 -4.97 -32.14
N PRO B 48 -5.10 -6.29 -32.31
CA PRO B 48 -4.35 -7.23 -31.46
C PRO B 48 -2.86 -6.97 -31.56
N PHE B 49 -2.15 -7.22 -30.48
CA PHE B 49 -0.71 -7.06 -30.42
C PHE B 49 0.02 -7.68 -31.61
N ALA B 50 -0.35 -8.88 -32.01
CA ALA B 50 0.36 -9.59 -33.07
C ALA B 50 0.28 -8.86 -34.41
N GLU B 51 -0.80 -8.10 -34.64
CA GLU B 51 -0.95 -7.26 -35.84
C GLU B 51 -0.31 -5.90 -35.68
N GLU B 52 -0.33 -5.36 -34.47
CA GLU B 52 0.21 -4.04 -34.21
C GLU B 52 1.72 -4.09 -34.28
N VAL B 53 2.30 -5.19 -33.78
CA VAL B 53 3.75 -5.32 -33.73
C VAL B 53 4.13 -6.54 -34.55
N GLU B 54 4.08 -7.72 -33.95
CA GLU B 54 4.34 -8.98 -34.67
C GLU B 54 3.84 -10.16 -33.84
N PRO B 55 3.64 -11.33 -34.46
CA PRO B 55 3.34 -12.54 -33.69
C PRO B 55 4.60 -12.97 -32.92
N ILE B 56 4.44 -13.28 -31.65
CA ILE B 56 5.51 -13.85 -30.85
C ILE B 56 4.98 -15.19 -30.40
N ARG B 57 5.55 -16.24 -30.98
CA ARG B 57 5.17 -17.63 -30.69
C ARG B 57 6.43 -18.36 -30.22
N LEU B 58 6.52 -18.66 -28.92
CA LEU B 58 7.67 -19.40 -28.41
C LEU B 58 7.15 -20.74 -27.86
N ARG B 59 6.84 -21.63 -28.78
CA ARG B 59 6.25 -22.93 -28.43
C ARG B 59 7.09 -23.71 -27.39
N ASN B 60 8.41 -23.72 -27.54
CA ASN B 60 9.26 -24.40 -26.56
C ASN B 60 9.69 -23.56 -25.34
N ARG B 61 8.90 -22.56 -24.98
CA ARG B 61 9.16 -21.75 -23.80
C ARG B 61 9.41 -22.61 -22.57
N THR B 62 10.27 -22.13 -21.67
CA THR B 62 10.51 -22.78 -20.40
C THR B 62 10.06 -21.93 -19.21
N TRP B 63 9.81 -20.65 -19.42
CA TRP B 63 9.54 -19.78 -18.27
C TRP B 63 8.33 -20.25 -17.43
N PRO B 64 7.30 -20.84 -18.04
CA PRO B 64 6.15 -21.31 -17.28
C PRO B 64 6.46 -22.40 -16.26
N ASP B 65 7.59 -23.09 -16.43
CA ASP B 65 8.00 -24.17 -15.54
C ASP B 65 9.15 -23.76 -14.61
N ARG B 66 9.49 -22.48 -14.58
CA ARG B 66 10.50 -22.01 -13.65
C ARG B 66 9.92 -21.16 -12.49
N VAL B 67 10.23 -21.53 -11.28
CA VAL B 67 9.88 -20.79 -10.11
C VAL B 67 11.12 -20.02 -9.70
N ILE B 68 10.96 -18.73 -9.42
CA ILE B 68 12.10 -17.88 -9.04
C ILE B 68 12.69 -18.37 -7.72
N ASP B 69 14.00 -18.55 -7.65
CA ASP B 69 14.61 -18.99 -6.39
C ASP B 69 15.78 -18.09 -5.90
N ARG B 70 15.97 -16.97 -6.58
CA ARG B 70 17.01 -16.01 -6.21
C ARG B 70 16.50 -14.59 -6.55
N ALA B 71 16.94 -13.60 -5.77
CA ALA B 71 16.65 -12.21 -6.08
C ALA B 71 17.34 -11.85 -7.38
N PRO B 72 16.74 -10.96 -8.18
CA PRO B 72 17.48 -10.40 -9.31
C PRO B 72 18.42 -9.30 -8.82
N LEU B 73 19.29 -8.86 -9.70
CA LEU B 73 19.99 -7.61 -9.51
C LEU B 73 18.94 -6.53 -9.74
N TRP B 74 18.75 -5.68 -8.74
CA TRP B 74 17.83 -4.59 -8.79
C TRP B 74 18.57 -3.31 -9.26
N CYS B 75 17.87 -2.48 -10.00
CA CYS B 75 18.28 -1.10 -10.23
C CYS B 75 17.10 -0.17 -9.94
N ALA B 76 17.24 0.75 -8.99
CA ALA B 76 16.16 1.71 -8.68
C ALA B 76 16.25 2.94 -9.56
N VAL B 77 15.15 3.29 -10.23
CA VAL B 77 15.18 4.43 -11.16
C VAL B 77 14.29 5.58 -10.68
N ASP B 78 14.04 5.60 -9.37
CA ASP B 78 13.18 6.63 -8.75
C ASP B 78 13.63 8.05 -8.99
N LEU B 79 14.93 8.24 -9.00
CA LEU B 79 15.56 9.54 -9.18
C LEU B 79 15.55 10.07 -10.62
N ARG B 80 15.15 9.22 -11.57
CA ARG B 80 15.07 9.60 -12.98
C ARG B 80 13.66 9.35 -13.53
N ASP B 81 13.34 8.09 -13.84
CA ASP B 81 12.02 7.80 -14.40
C ASP B 81 10.91 8.24 -13.42
N GLY B 82 11.04 7.95 -12.12
CA GLY B 82 10.12 8.48 -11.13
C GLY B 82 10.09 10.01 -11.06
N ASN B 83 11.26 10.62 -10.94
CA ASN B 83 11.38 12.03 -10.74
C ASN B 83 10.72 12.83 -11.83
N GLN B 84 10.98 12.47 -13.08
CA GLN B 84 10.48 13.26 -14.21
C GLN B 84 9.00 13.00 -14.48
N ALA B 85 8.42 12.01 -13.80
CA ALA B 85 6.98 11.78 -13.86
C ALA B 85 6.16 12.53 -12.81
N LEU B 86 6.83 13.31 -11.98
CA LEU B 86 6.16 14.00 -10.90
C LEU B 86 5.53 15.30 -11.32
N ILE B 87 4.43 15.66 -10.66
CA ILE B 87 3.82 16.98 -10.79
C ILE B 87 4.85 18.06 -10.34
N ASP B 88 5.50 17.81 -9.20
CA ASP B 88 6.55 18.66 -8.66
C ASP B 88 7.85 17.85 -8.55
N PRO B 89 8.80 18.06 -9.47
CA PRO B 89 10.06 17.32 -9.42
C PRO B 89 10.74 17.57 -8.09
N MSE B 90 11.61 16.65 -7.70
CA MSE B 90 12.27 16.68 -6.42
C MSE B 90 13.25 17.81 -6.35
O MSE B 90 14.07 17.97 -7.24
CB MSE B 90 13.03 15.39 -6.16
CG MSE B 90 12.10 14.16 -5.90
SE MSE B 90 13.19 12.61 -5.49
CE MSE B 90 12.23 11.32 -6.58
N SER B 91 13.17 18.55 -5.25
CA SER B 91 14.15 19.52 -4.82
C SER B 91 15.46 18.82 -4.49
N PRO B 92 16.57 19.53 -4.41
CA PRO B 92 17.84 18.88 -4.04
C PRO B 92 17.77 18.05 -2.70
N ALA B 93 17.04 18.55 -1.72
CA ALA B 93 16.87 17.82 -0.45
C ALA B 93 16.11 16.50 -0.67
N ARG B 94 15.08 16.54 -1.49
CA ARG B 94 14.30 15.35 -1.73
C ARG B 94 15.06 14.29 -2.49
N LYS B 95 15.90 14.74 -3.41
CA LYS B 95 16.77 13.83 -4.15
C LYS B 95 17.74 13.14 -3.19
N ARG B 96 18.38 13.89 -2.30
CA ARG B 96 19.36 13.29 -1.37
C ARG B 96 18.64 12.29 -0.45
N ARG B 97 17.44 12.63 -0.04
CA ARG B 97 16.70 11.76 0.91
C ARG B 97 16.34 10.45 0.24
N MSE B 98 15.83 10.51 -1.00
CA MSE B 98 15.57 9.30 -1.80
C MSE B 98 16.83 8.48 -2.04
O MSE B 98 16.83 7.27 -1.86
CB MSE B 98 14.96 9.67 -3.15
CG MSE B 98 14.74 8.50 -4.13
SE MSE B 98 13.52 7.14 -3.40
CE MSE B 98 11.96 7.98 -3.78
N PHE B 99 17.93 9.14 -2.44
CA PHE B 99 19.19 8.44 -2.67
C PHE B 99 19.68 7.72 -1.39
N ASP B 100 19.61 8.42 -0.25
CA ASP B 100 20.07 7.83 1.01
C ASP B 100 19.13 6.64 1.38
N LEU B 101 17.84 6.77 1.10
CA LEU B 101 16.89 5.70 1.41
C LEU B 101 17.23 4.42 0.59
N LEU B 102 17.44 4.59 -0.71
CA LEU B 102 17.78 3.48 -1.60
C LEU B 102 19.08 2.78 -1.22
N VAL B 103 20.08 3.57 -0.88
CA VAL B 103 21.37 3.04 -0.42
C VAL B 103 21.16 2.20 0.87
N ARG B 104 20.40 2.75 1.81
CA ARG B 104 20.18 2.15 3.13
C ARG B 104 19.35 0.86 3.05
N MSE B 105 18.48 0.78 2.04
CA MSE B 105 17.65 -0.40 1.78
C MSE B 105 18.44 -1.52 1.21
O MSE B 105 18.07 -2.69 1.32
CB MSE B 105 16.50 -0.04 0.83
CG MSE B 105 15.39 0.68 1.49
SE MSE B 105 13.98 1.26 0.28
CE MSE B 105 13.22 -0.50 -0.05
N GLY B 106 19.57 -1.18 0.57
CA GLY B 106 20.45 -2.19 0.01
C GLY B 106 20.61 -2.20 -1.51
N TYR B 107 20.03 -1.23 -2.23
CA TYR B 107 20.22 -1.15 -3.66
C TYR B 107 21.64 -0.77 -4.01
N LYS B 108 22.18 -1.45 -5.02
CA LYS B 108 23.56 -1.30 -5.44
C LYS B 108 23.73 -0.64 -6.82
N GLU B 109 22.65 -0.55 -7.59
CA GLU B 109 22.61 0.25 -8.81
C GLU B 109 21.43 1.21 -8.73
N ILE B 110 21.71 2.49 -8.90
CA ILE B 110 20.72 3.57 -8.71
C ILE B 110 20.88 4.57 -9.84
N GLU B 111 19.83 4.78 -10.62
CA GLU B 111 19.90 5.74 -11.71
C GLU B 111 19.57 7.09 -11.13
N VAL B 112 20.57 7.97 -11.08
CA VAL B 112 20.51 9.19 -10.30
C VAL B 112 19.98 10.40 -11.09
N GLY B 113 19.76 10.24 -12.38
CA GLY B 113 19.22 11.32 -13.20
C GLY B 113 19.57 11.23 -14.67
N PHE B 114 19.24 12.31 -15.37
CA PHE B 114 19.49 12.52 -16.78
C PHE B 114 20.31 13.85 -16.88
N PRO B 115 21.58 13.84 -16.47
CA PRO B 115 22.34 15.08 -16.21
C PRO B 115 22.65 15.94 -17.42
N SER B 116 22.71 15.34 -18.60
CA SER B 116 22.92 16.12 -19.81
C SER B 116 21.66 16.77 -20.32
N ALA B 117 20.50 16.48 -19.74
CA ALA B 117 19.24 17.13 -20.17
C ALA B 117 18.67 18.07 -19.09
N SER B 118 19.25 18.02 -17.89
CA SER B 118 18.66 18.76 -16.79
C SER B 118 19.76 19.30 -15.94
N GLN B 119 19.82 20.62 -15.78
CA GLN B 119 20.85 21.19 -14.93
C GLN B 119 20.72 20.73 -13.46
N THR B 120 19.49 20.61 -12.95
CA THR B 120 19.35 20.16 -11.56
C THR B 120 19.90 18.74 -11.36
N ASP B 121 19.72 17.88 -12.36
CA ASP B 121 20.26 16.53 -12.33
C ASP B 121 21.77 16.56 -12.40
N PHE B 122 22.32 17.35 -13.34
CA PHE B 122 23.77 17.52 -13.38
C PHE B 122 24.31 17.90 -11.99
N ASP B 123 23.70 18.89 -11.34
CA ASP B 123 24.22 19.38 -10.06
C ASP B 123 24.09 18.35 -8.96
N PHE B 124 23.00 17.57 -9.01
CA PHE B 124 22.85 16.43 -8.11
C PHE B 124 23.98 15.41 -8.25
N VAL B 125 24.28 14.97 -9.45
CA VAL B 125 25.36 14.03 -9.64
C VAL B 125 26.68 14.63 -9.14
N ARG B 126 26.90 15.93 -9.42
CA ARG B 126 28.12 16.57 -8.90
C ARG B 126 28.19 16.52 -7.36
N GLU B 127 27.05 16.81 -6.70
CA GLU B 127 26.96 16.85 -5.25
C GLU B 127 27.25 15.49 -4.60
N ILE B 128 26.64 14.43 -5.11
CA ILE B 128 26.87 13.13 -4.50
C ILE B 128 28.29 12.64 -4.71
N ILE B 129 28.91 12.96 -5.85
CA ILE B 129 30.31 12.57 -6.09
C ILE B 129 31.24 13.39 -5.16
N GLU B 130 31.06 14.70 -5.15
CA GLU B 130 31.97 15.59 -4.42
C GLU B 130 31.84 15.51 -2.90
N GLN B 131 30.70 15.07 -2.39
CA GLN B 131 30.51 14.97 -0.95
C GLN B 131 30.66 13.56 -0.43
N GLY B 132 31.18 12.65 -1.26
CA GLY B 132 31.39 11.28 -0.83
C GLY B 132 30.14 10.56 -0.33
N ALA B 133 28.98 10.86 -0.92
CA ALA B 133 27.74 10.15 -0.52
C ALA B 133 27.57 8.77 -1.16
N ILE B 134 28.47 8.37 -2.05
CA ILE B 134 28.32 7.10 -2.74
C ILE B 134 29.19 5.99 -2.13
N PRO B 135 28.56 5.04 -1.47
CA PRO B 135 29.27 3.86 -0.98
C PRO B 135 30.07 3.14 -2.07
N ASP B 136 31.10 2.42 -1.62
CA ASP B 136 32.01 1.76 -2.51
C ASP B 136 31.39 0.58 -3.24
N ASP B 137 30.33 -0.02 -2.69
CA ASP B 137 29.63 -1.12 -3.35
C ASP B 137 28.39 -0.64 -4.17
N VAL B 138 28.24 0.68 -4.34
CA VAL B 138 27.13 1.24 -5.11
C VAL B 138 27.66 1.84 -6.42
N THR B 139 26.99 1.52 -7.52
CA THR B 139 27.27 2.10 -8.82
C THR B 139 26.12 2.99 -9.25
N ILE B 140 26.41 4.28 -9.42
CA ILE B 140 25.44 5.21 -9.97
C ILE B 140 25.27 5.03 -11.46
N GLN B 141 24.07 5.31 -11.92
CA GLN B 141 23.67 5.15 -13.32
C GLN B 141 23.11 6.48 -13.78
N VAL B 142 23.52 6.90 -14.96
CA VAL B 142 23.05 8.13 -15.56
C VAL B 142 22.48 7.81 -16.96
N LEU B 143 21.33 8.39 -17.27
CA LEU B 143 20.69 8.25 -18.57
C LEU B 143 21.12 9.37 -19.48
N THR B 144 21.36 9.04 -20.75
CA THR B 144 21.58 10.02 -21.80
C THR B 144 20.99 9.55 -23.13
N GLN B 145 20.53 10.50 -23.91
CA GLN B 145 20.20 10.24 -25.29
C GLN B 145 21.54 10.14 -26.05
N CYS B 146 21.49 9.87 -27.35
CA CYS B 146 22.68 9.42 -28.06
C CYS B 146 23.45 10.57 -28.75
N ARG B 147 22.95 11.78 -28.69
CA ARG B 147 23.59 12.87 -29.43
C ARG B 147 24.98 13.08 -28.81
N PRO B 148 26.02 13.14 -29.63
CA PRO B 148 27.40 13.14 -29.14
C PRO B 148 27.73 14.15 -28.01
N GLU B 149 27.18 15.36 -28.07
CA GLU B 149 27.41 16.39 -27.07
C GLU B 149 26.72 16.04 -25.73
N LEU B 150 25.55 15.39 -25.79
CA LEU B 150 24.89 14.91 -24.57
C LEU B 150 25.72 13.82 -23.88
N ILE B 151 26.30 12.94 -24.67
CA ILE B 151 27.14 11.87 -24.13
C ILE B 151 28.35 12.49 -23.48
N GLU B 152 28.92 13.54 -24.08
CA GLU B 152 30.10 14.19 -23.49
C GLU B 152 29.75 14.77 -22.16
N ARG B 153 28.61 15.46 -22.09
CA ARG B 153 28.13 16.08 -20.85
C ARG B 153 27.84 15.07 -19.75
N THR B 154 27.51 13.85 -20.16
CA THR B 154 27.16 12.77 -19.22
C THR B 154 28.39 12.29 -18.55
N PHE B 155 29.45 12.13 -19.33
CA PHE B 155 30.76 11.78 -18.79
C PHE B 155 31.31 12.89 -17.88
N GLN B 156 31.14 14.15 -18.29
CA GLN B 156 31.53 15.29 -17.45
C GLN B 156 30.84 15.27 -16.09
N ALA B 157 29.54 14.97 -16.09
CA ALA B 157 28.76 14.90 -14.87
C ALA B 157 29.33 13.85 -13.93
N CYS B 158 29.84 12.75 -14.49
CA CYS B 158 30.36 11.66 -13.65
C CYS B 158 31.84 11.81 -13.30
N SER B 159 32.48 12.90 -13.67
CA SER B 159 33.90 13.10 -13.43
C SER B 159 34.25 12.89 -11.95
N GLY B 160 35.18 12.00 -11.68
CA GLY B 160 35.61 11.73 -10.32
C GLY B 160 34.86 10.58 -9.63
N ALA B 161 33.83 10.03 -10.29
CA ALA B 161 33.15 8.82 -9.82
C ALA B 161 34.13 7.67 -9.89
N PRO B 162 34.18 6.82 -8.87
CA PRO B 162 35.03 5.62 -8.96
C PRO B 162 34.49 4.63 -9.96
N ARG B 163 33.18 4.64 -10.15
CA ARG B 163 32.52 3.76 -11.11
C ARG B 163 31.17 4.36 -11.51
N ALA B 164 30.70 4.02 -12.69
CA ALA B 164 29.40 4.55 -13.15
C ALA B 164 28.89 3.74 -14.33
N ILE B 165 27.57 3.65 -14.44
CA ILE B 165 26.93 3.04 -15.60
C ILE B 165 26.39 4.20 -16.47
N VAL B 166 26.79 4.21 -17.72
CA VAL B 166 26.26 5.15 -18.68
C VAL B 166 25.23 4.39 -19.48
N HIS B 167 23.99 4.83 -19.29
CA HIS B 167 22.82 4.24 -19.93
C HIS B 167 22.39 5.15 -21.07
N PHE B 168 22.62 4.67 -22.28
CA PHE B 168 22.17 5.40 -23.45
C PHE B 168 21.06 4.63 -24.14
N TYR B 169 20.20 5.38 -24.82
CA TYR B 169 19.03 4.82 -25.42
C TYR B 169 18.57 5.54 -26.66
N ASN B 170 17.81 4.82 -27.47
CA ASN B 170 17.08 5.43 -28.55
C ASN B 170 15.88 4.56 -28.91
N SER B 171 14.85 5.20 -29.41
CA SER B 171 13.59 4.54 -29.75
C SER B 171 13.70 3.69 -31.01
N THR B 172 13.31 2.42 -30.90
CA THR B 172 13.33 1.51 -32.02
C THR B 172 11.98 1.01 -32.53
N SER B 173 10.86 1.39 -31.92
CA SER B 173 9.56 0.81 -32.31
C SER B 173 9.19 1.07 -33.80
N ILE B 174 8.38 0.16 -34.34
CA ILE B 174 7.87 0.27 -35.69
C ILE B 174 7.26 1.64 -35.89
N LEU B 175 6.36 2.01 -34.99
CA LEU B 175 5.67 3.30 -35.03
C LEU B 175 6.61 4.50 -34.96
N GLN B 176 7.54 4.54 -34.02
CA GLN B 176 8.46 5.69 -33.93
C GLN B 176 9.40 5.80 -35.14
N ARG B 177 9.90 4.69 -35.67
CA ARG B 177 10.71 4.71 -36.91
C ARG B 177 9.91 5.35 -38.06
N ARG B 178 8.63 5.04 -38.16
CA ARG B 178 7.79 5.59 -39.22
C ARG B 178 7.40 7.05 -38.98
N VAL B 179 6.82 7.38 -37.82
CA VAL B 179 6.20 8.73 -37.67
C VAL B 179 7.06 9.75 -36.90
N VAL B 180 7.96 9.28 -36.03
CA VAL B 180 8.87 10.18 -35.32
C VAL B 180 10.17 10.45 -36.08
N PHE B 181 10.86 9.41 -36.54
CA PHE B 181 12.15 9.57 -37.23
C PHE B 181 12.07 9.50 -38.76
N ARG B 182 10.97 8.97 -39.29
CA ARG B 182 10.83 8.70 -40.72
C ARG B 182 12.11 8.11 -41.32
N ALA B 183 12.57 7.01 -40.72
CA ALA B 183 13.87 6.46 -41.04
C ALA B 183 13.80 4.96 -41.28
N ASN B 184 14.80 4.43 -41.92
CA ASN B 184 14.87 3.01 -42.12
C ASN B 184 15.62 2.34 -40.95
N ARG B 185 15.79 1.04 -41.05
CA ARG B 185 16.39 0.23 -40.00
C ARG B 185 17.84 0.57 -39.79
N ALA B 186 18.60 0.72 -40.88
CA ALA B 186 20.00 1.13 -40.77
C ALA B 186 20.14 2.47 -40.08
N GLU B 187 19.26 3.42 -40.39
CA GLU B 187 19.38 4.76 -39.84
C GLU B 187 19.17 4.76 -38.32
N VAL B 188 18.16 4.02 -37.86
CA VAL B 188 17.85 3.99 -36.44
C VAL B 188 18.90 3.20 -35.65
N GLN B 189 19.45 2.15 -36.26
CA GLN B 189 20.57 1.38 -35.69
C GLN B 189 21.83 2.23 -35.53
N ALA B 190 22.13 3.04 -36.55
CA ALA B 190 23.25 3.96 -36.46
C ALA B 190 23.12 4.95 -35.33
N ILE B 191 21.92 5.41 -35.02
CA ILE B 191 21.78 6.31 -33.88
C ILE B 191 22.39 5.64 -32.64
N ALA B 192 22.03 4.37 -32.42
CA ALA B 192 22.55 3.59 -31.30
C ALA B 192 24.06 3.29 -31.39
N THR B 193 24.55 2.82 -32.54
CA THR B 193 25.95 2.44 -32.63
C THR B 193 26.88 3.66 -32.64
N ASP B 194 26.41 4.79 -33.18
CA ASP B 194 27.13 6.06 -33.03
C ASP B 194 27.15 6.46 -31.58
N GLY B 195 26.06 6.26 -30.84
CA GLY B 195 26.09 6.56 -29.41
C GLY B 195 27.15 5.72 -28.70
N ALA B 196 27.19 4.45 -29.04
CA ALA B 196 28.08 3.49 -28.42
C ALA B 196 29.55 3.84 -28.73
N ARG B 197 29.79 4.26 -29.96
CA ARG B 197 31.13 4.64 -30.39
C ARG B 197 31.62 5.83 -29.58
N LYS B 198 30.75 6.81 -29.38
CA LYS B 198 31.06 7.96 -28.55
C LYS B 198 31.30 7.58 -27.09
N CYS B 199 30.55 6.59 -26.58
CA CYS B 199 30.77 6.11 -25.23
C CYS B 199 32.19 5.51 -25.05
N VAL B 200 32.60 4.68 -26.00
CA VAL B 200 33.93 4.09 -25.97
C VAL B 200 35.04 5.17 -25.98
N GLU B 201 34.81 6.25 -26.73
CA GLU B 201 35.81 7.30 -26.93
C GLU B 201 35.91 8.14 -25.68
N GLN B 202 34.77 8.41 -25.05
CA GLN B 202 34.72 9.21 -23.86
C GLN B 202 35.28 8.44 -22.66
N ALA B 203 34.95 7.17 -22.54
CA ALA B 203 35.49 6.31 -21.51
C ALA B 203 37.05 6.30 -21.52
N ALA B 204 37.64 6.31 -22.71
CA ALA B 204 39.12 6.36 -22.83
C ALA B 204 39.71 7.68 -22.30
N LYS B 205 38.94 8.78 -22.35
CA LYS B 205 39.35 10.06 -21.84
C LYS B 205 39.27 10.23 -20.34
N TYR B 206 38.59 9.32 -19.64
CA TYR B 206 38.47 9.43 -18.20
C TYR B 206 38.92 8.14 -17.57
N PRO B 207 40.23 7.90 -17.54
CA PRO B 207 40.77 6.63 -17.04
C PRO B 207 40.57 6.44 -15.51
N GLY B 208 40.33 7.52 -14.78
CA GLY B 208 40.12 7.41 -13.34
C GLY B 208 38.81 6.75 -12.88
N THR B 209 37.90 6.51 -13.82
CA THR B 209 36.60 5.94 -13.51
C THR B 209 36.47 4.61 -14.21
N GLN B 210 35.89 3.63 -13.53
CA GLN B 210 35.56 2.35 -14.13
C GLN B 210 34.18 2.46 -14.79
N TRP B 211 34.14 2.66 -16.11
CA TRP B 211 32.88 2.78 -16.88
C TRP B 211 32.26 1.43 -17.29
N ARG B 212 30.93 1.37 -17.16
CA ARG B 212 30.14 0.26 -17.61
C ARG B 212 29.00 0.86 -18.44
N PHE B 213 28.43 0.06 -19.31
CA PHE B 213 27.39 0.54 -20.22
C PHE B 213 26.10 -0.24 -20.13
N GLU B 214 25.01 0.47 -20.38
CA GLU B 214 23.69 -0.10 -20.54
C GLU B 214 23.11 0.56 -21.80
N TYR B 215 22.56 -0.25 -22.70
CA TYR B 215 21.81 0.22 -23.86
C TYR B 215 20.34 -0.27 -23.77
N SER B 216 19.38 0.62 -24.00
CA SER B 216 17.97 0.26 -24.11
C SER B 216 17.48 0.61 -25.53
N PRO B 217 16.92 -0.37 -26.25
CA PRO B 217 16.08 -0.06 -27.41
C PRO B 217 14.72 0.35 -26.89
N GLU B 218 14.56 1.66 -26.78
CA GLU B 218 13.41 2.25 -26.12
C GLU B 218 12.17 1.91 -26.96
N SER B 219 11.04 1.70 -26.29
CA SER B 219 9.83 1.21 -26.92
C SER B 219 10.05 -0.18 -27.55
N TYR B 220 10.82 -0.97 -26.84
CA TYR B 220 11.08 -2.34 -27.16
C TYR B 220 9.83 -3.14 -27.42
N THR B 221 8.80 -2.98 -26.61
CA THR B 221 7.62 -3.81 -26.80
C THR B 221 6.83 -3.42 -28.04
N GLY B 222 7.20 -2.32 -28.70
CA GLY B 222 6.64 -1.97 -30.00
C GLY B 222 7.62 -2.23 -31.14
N THR B 223 8.65 -3.02 -30.86
CA THR B 223 9.77 -3.30 -31.76
C THR B 223 9.80 -4.78 -32.13
N GLU B 224 10.12 -5.08 -33.39
CA GLU B 224 10.35 -6.48 -33.83
C GLU B 224 11.52 -7.04 -33.05
N LEU B 225 11.36 -8.24 -32.52
CA LEU B 225 12.43 -8.88 -31.74
C LEU B 225 13.69 -9.08 -32.56
N GLU B 226 13.56 -9.50 -33.82
CA GLU B 226 14.74 -9.68 -34.65
C GLU B 226 15.51 -8.36 -34.86
N TYR B 227 14.81 -7.24 -34.92
CA TYR B 227 15.45 -5.93 -35.04
C TYR B 227 16.06 -5.50 -33.71
N ALA B 228 15.37 -5.78 -32.62
CA ALA B 228 15.91 -5.46 -31.29
C ALA B 228 17.23 -6.17 -31.10
N LYS B 229 17.27 -7.44 -31.50
CA LYS B 229 18.47 -8.24 -31.36
C LYS B 229 19.56 -7.65 -32.24
N GLN B 230 19.23 -7.33 -33.49
CA GLN B 230 20.17 -6.74 -34.44
C GLN B 230 20.83 -5.48 -33.89
N VAL B 231 20.04 -4.56 -33.34
CA VAL B 231 20.55 -3.32 -32.80
C VAL B 231 21.43 -3.58 -31.56
N CYS B 232 20.92 -4.36 -30.59
CA CYS B 232 21.67 -4.70 -29.40
C CYS B 232 23.01 -5.35 -29.76
N ASP B 233 23.00 -6.31 -30.69
CA ASP B 233 24.22 -6.98 -31.14
C ASP B 233 25.23 -5.98 -31.75
N ALA B 234 24.75 -5.09 -32.62
CA ALA B 234 25.61 -4.05 -33.22
C ALA B 234 26.22 -3.15 -32.13
N VAL B 235 25.41 -2.75 -31.13
CA VAL B 235 25.90 -1.94 -30.01
C VAL B 235 26.96 -2.71 -29.26
N GLY B 236 26.69 -4.00 -29.04
CA GLY B 236 27.62 -4.89 -28.35
C GLY B 236 28.96 -5.05 -29.05
N GLU B 237 28.96 -5.13 -30.37
CA GLU B 237 30.22 -5.21 -31.11
C GLU B 237 31.06 -3.96 -30.91
N VAL B 238 30.44 -2.80 -30.76
CA VAL B 238 31.19 -1.58 -30.56
C VAL B 238 31.78 -1.57 -29.16
N ILE B 239 30.95 -1.81 -28.15
CA ILE B 239 31.40 -1.82 -26.76
C ILE B 239 32.35 -2.96 -26.44
N ALA B 240 32.20 -4.09 -27.11
CA ALA B 240 33.07 -5.24 -26.89
C ALA B 240 33.11 -5.65 -25.42
N PRO B 241 31.94 -5.99 -24.85
CA PRO B 241 31.88 -6.47 -23.47
C PRO B 241 32.47 -7.86 -23.30
N THR B 242 32.80 -8.22 -22.07
CA THR B 242 33.26 -9.58 -21.73
C THR B 242 32.52 -10.08 -20.46
N PRO B 243 32.67 -11.35 -20.08
CA PRO B 243 32.03 -11.85 -18.86
C PRO B 243 32.41 -11.09 -17.58
N GLU B 244 33.63 -10.57 -17.55
CA GLU B 244 34.13 -9.82 -16.42
C GLU B 244 33.72 -8.34 -16.51
N ARG B 245 33.50 -7.85 -17.74
CA ARG B 245 32.98 -6.49 -17.96
C ARG B 245 31.77 -6.53 -18.91
N PRO B 246 30.64 -7.05 -18.41
CA PRO B 246 29.46 -7.24 -19.26
C PRO B 246 28.75 -5.93 -19.57
N ILE B 247 27.99 -5.91 -20.65
CA ILE B 247 27.08 -4.81 -21.01
C ILE B 247 25.69 -5.13 -20.48
N ILE B 248 24.93 -4.10 -20.13
CA ILE B 248 23.53 -4.32 -19.73
C ILE B 248 22.68 -4.04 -20.96
N PHE B 249 21.85 -5.00 -21.37
CA PHE B 249 20.83 -4.68 -22.38
C PHE B 249 19.52 -4.64 -21.63
N ASN B 250 18.86 -3.50 -21.70
CA ASN B 250 17.68 -3.24 -20.90
C ASN B 250 16.48 -3.18 -21.86
N LEU B 251 15.44 -3.97 -21.59
CA LEU B 251 14.35 -4.16 -22.55
C LEU B 251 13.07 -3.66 -21.94
N PRO B 252 12.74 -2.42 -22.23
CA PRO B 252 11.60 -1.76 -21.59
C PRO B 252 10.27 -2.04 -22.25
N ALA B 253 9.26 -2.26 -21.43
CA ALA B 253 7.86 -2.13 -21.86
C ALA B 253 7.52 -0.69 -21.68
N THR B 254 8.11 0.15 -22.53
CA THR B 254 7.98 1.59 -22.37
C THR B 254 6.52 2.01 -22.26
N VAL B 255 5.70 1.36 -23.10
CA VAL B 255 4.28 1.23 -22.92
C VAL B 255 4.06 -0.27 -22.73
N GLU B 256 3.28 -0.64 -21.75
CA GLU B 256 2.85 -2.05 -21.60
C GLU B 256 1.76 -2.29 -22.63
N MSE B 257 2.03 -3.16 -23.60
CA MSE B 257 1.20 -3.29 -24.79
C MSE B 257 0.34 -4.54 -24.79
O MSE B 257 -0.65 -4.60 -25.51
CB MSE B 257 2.03 -3.43 -26.08
CG MSE B 257 3.28 -2.73 -26.13
SE MSE B 257 3.45 -1.67 -27.78
CE MSE B 257 2.14 -0.72 -27.09
N THR B 258 0.74 -5.56 -24.04
CA THR B 258 -0.01 -6.80 -24.03
C THR B 258 0.23 -7.55 -22.71
N THR B 259 -0.28 -8.79 -22.66
CA THR B 259 -0.29 -9.56 -21.42
C THR B 259 1.15 -9.99 -21.06
N PRO B 260 1.43 -10.19 -19.79
CA PRO B 260 2.82 -10.42 -19.36
C PRO B 260 3.51 -11.71 -19.85
N ASN B 261 2.74 -12.72 -20.19
CA ASN B 261 3.24 -13.93 -20.84
C ASN B 261 3.90 -13.68 -22.20
N VAL B 262 3.38 -12.70 -22.94
CA VAL B 262 3.96 -12.37 -24.22
C VAL B 262 5.25 -11.61 -24.01
N TYR B 263 5.28 -10.72 -23.02
CA TYR B 263 6.53 -10.04 -22.72
C TYR B 263 7.58 -11.07 -22.28
N ALA B 264 7.20 -12.01 -21.42
CA ALA B 264 8.10 -13.09 -20.99
C ALA B 264 8.63 -13.95 -22.14
N ASP B 265 7.76 -14.31 -23.09
CA ASP B 265 8.18 -15.03 -24.29
C ASP B 265 9.25 -14.21 -24.99
N SER B 266 9.04 -12.91 -25.10
CA SER B 266 10.01 -12.04 -25.80
C SER B 266 11.40 -12.00 -25.08
N ILE B 267 11.40 -11.93 -23.76
CA ILE B 267 12.60 -11.96 -22.96
C ILE B 267 13.34 -13.30 -23.11
N GLU B 268 12.60 -14.43 -23.09
CA GLU B 268 13.24 -15.72 -23.22
C GLU B 268 13.89 -15.81 -24.60
N TRP B 269 13.19 -15.33 -25.62
CA TRP B 269 13.74 -15.36 -27.00
C TRP B 269 15.03 -14.52 -27.07
N MSE B 270 14.98 -13.30 -26.56
CA MSE B 270 16.16 -12.42 -26.54
C MSE B 270 17.32 -13.05 -25.73
O MSE B 270 18.49 -13.00 -26.14
CB MSE B 270 15.79 -11.06 -25.98
CG MSE B 270 14.79 -10.28 -26.82
SE MSE B 270 15.68 -9.52 -28.45
CE MSE B 270 16.53 -8.04 -27.65
N SER B 271 16.97 -13.71 -24.63
CA SER B 271 17.99 -14.30 -23.78
C SER B 271 18.72 -15.45 -24.50
N ARG B 272 18.00 -16.20 -25.32
CA ARG B 272 18.54 -17.26 -26.13
C ARG B 272 19.28 -16.82 -27.37
N ASN B 273 18.90 -15.69 -27.94
CA ASN B 273 19.33 -15.35 -29.28
C ASN B 273 20.30 -14.19 -29.38
N LEU B 274 20.38 -13.38 -28.33
CA LEU B 274 21.37 -12.29 -28.28
C LEU B 274 22.80 -12.88 -28.40
N ALA B 275 23.63 -12.26 -29.22
CA ALA B 275 25.03 -12.69 -29.38
C ALA B 275 25.79 -12.42 -28.09
N ASN B 276 26.81 -13.22 -27.82
CA ASN B 276 27.72 -12.91 -26.72
C ASN B 276 26.96 -12.85 -25.38
N ARG B 277 26.02 -13.79 -25.20
CA ARG B 277 25.07 -13.74 -24.07
C ARG B 277 25.76 -13.80 -22.69
N GLU B 278 26.90 -14.50 -22.60
CA GLU B 278 27.73 -14.55 -21.39
C GLU B 278 28.31 -13.20 -20.98
N SER B 279 28.33 -12.25 -21.92
CA SER B 279 28.79 -10.89 -21.65
C SER B 279 27.65 -9.87 -21.52
N VAL B 280 26.44 -10.38 -21.31
CA VAL B 280 25.25 -9.56 -21.22
C VAL B 280 24.57 -9.74 -19.87
N ILE B 281 24.24 -8.63 -19.24
CA ILE B 281 23.33 -8.62 -18.11
C ILE B 281 21.97 -8.19 -18.73
N LEU B 282 21.00 -9.08 -18.77
CA LEU B 282 19.71 -8.83 -19.42
C LEU B 282 18.74 -8.20 -18.40
N SER B 283 18.30 -6.99 -18.70
CA SER B 283 17.60 -6.16 -17.75
C SER B 283 16.17 -5.88 -18.27
N LEU B 284 15.22 -5.84 -17.36
CA LEU B 284 13.83 -5.55 -17.65
C LEU B 284 13.46 -4.22 -17.09
N HIS B 285 12.58 -3.51 -17.80
CA HIS B 285 12.12 -2.16 -17.40
C HIS B 285 10.66 -2.03 -17.81
N PRO B 286 9.75 -2.67 -17.09
CA PRO B 286 8.31 -2.60 -17.42
C PRO B 286 7.53 -1.41 -16.86
N HIS B 287 6.67 -0.84 -17.69
CA HIS B 287 5.69 0.13 -17.19
C HIS B 287 4.35 -0.57 -17.04
N ASN B 288 3.35 0.15 -16.53
CA ASN B 288 2.16 -0.48 -15.95
C ASN B 288 0.85 -0.11 -16.65
N ASP B 289 0.88 0.18 -17.95
CA ASP B 289 -0.32 0.70 -18.69
C ASP B 289 -1.51 -0.26 -18.70
N ARG B 290 -1.23 -1.57 -18.62
CA ARG B 290 -2.26 -2.60 -18.51
C ARG B 290 -2.42 -3.20 -17.10
N GLY B 291 -1.75 -2.57 -16.13
CA GLY B 291 -1.82 -2.97 -14.74
C GLY B 291 -1.11 -4.27 -14.44
N THR B 292 -0.23 -4.72 -15.34
CA THR B 292 0.42 -6.00 -15.14
C THR B 292 1.94 -5.93 -15.13
N ALA B 293 2.50 -4.77 -14.78
CA ALA B 293 3.97 -4.60 -14.70
C ALA B 293 4.69 -5.57 -13.75
N VAL B 294 4.14 -5.76 -12.57
CA VAL B 294 4.70 -6.74 -11.62
C VAL B 294 4.73 -8.13 -12.27
N ALA B 295 3.63 -8.54 -12.89
CA ALA B 295 3.59 -9.85 -13.55
C ALA B 295 4.58 -9.93 -14.70
N ALA B 296 4.73 -8.86 -15.48
CA ALA B 296 5.71 -8.84 -16.56
C ALA B 296 7.15 -9.04 -16.07
N ALA B 297 7.49 -8.38 -14.97
CA ALA B 297 8.78 -8.49 -14.35
C ALA B 297 9.04 -9.90 -13.79
N GLU B 298 8.04 -10.48 -13.12
CA GLU B 298 8.20 -11.79 -12.55
C GLU B 298 8.30 -12.88 -13.59
N LEU B 299 7.46 -12.84 -14.61
CA LEU B 299 7.50 -13.86 -15.63
C LEU B 299 8.75 -13.65 -16.51
N GLY B 300 9.10 -12.39 -16.76
CA GLY B 300 10.30 -12.06 -17.52
C GLY B 300 11.59 -12.49 -16.83
N PHE B 301 11.59 -12.43 -15.50
CA PHE B 301 12.76 -12.87 -14.74
C PHE B 301 12.89 -14.38 -14.84
N ALA B 302 11.76 -15.09 -14.71
CA ALA B 302 11.76 -16.54 -14.93
C ALA B 302 12.21 -16.91 -16.35
N ALA B 303 12.01 -16.01 -17.30
CA ALA B 303 12.37 -16.22 -18.70
C ALA B 303 13.86 -16.05 -19.04
N GLY B 304 14.71 -15.75 -18.06
CA GLY B 304 16.15 -15.64 -18.23
C GLY B 304 16.78 -14.27 -18.00
N ALA B 305 15.98 -13.25 -17.68
CA ALA B 305 16.57 -11.95 -17.30
C ALA B 305 17.39 -12.03 -16.00
N ASP B 306 18.27 -11.05 -15.85
CA ASP B 306 19.23 -10.99 -14.75
C ASP B 306 18.97 -9.84 -13.80
N ARG B 307 18.23 -8.86 -14.26
CA ARG B 307 18.16 -7.53 -13.62
C ARG B 307 16.83 -6.90 -13.89
N ILE B 308 16.32 -6.12 -12.94
CA ILE B 308 15.04 -5.44 -13.06
C ILE B 308 15.17 -4.02 -12.57
N GLU B 309 14.75 -3.09 -13.42
CA GLU B 309 14.68 -1.68 -13.14
C GLU B 309 13.24 -1.35 -12.72
N GLY B 310 13.08 -0.62 -11.63
CA GLY B 310 11.79 -0.11 -11.20
C GLY B 310 11.91 0.98 -10.17
N CYS B 311 10.77 1.37 -9.58
CA CYS B 311 10.68 2.40 -8.55
C CYS B 311 9.92 1.89 -7.30
N LEU B 312 10.20 2.50 -6.17
CA LEU B 312 9.47 2.24 -4.96
C LEU B 312 8.01 2.70 -5.11
N PHE B 313 7.09 1.78 -4.85
CA PHE B 313 5.67 2.00 -4.87
C PHE B 313 5.15 2.41 -6.24
N GLY B 314 5.85 2.00 -7.29
CA GLY B 314 5.28 2.05 -8.61
C GLY B 314 5.19 3.48 -9.16
N ASN B 315 6.06 4.37 -8.71
CA ASN B 315 6.17 5.68 -9.34
C ASN B 315 6.81 5.59 -10.73
N GLY B 316 6.53 6.58 -11.57
CA GLY B 316 7.09 6.63 -12.89
C GLY B 316 6.09 7.12 -13.92
N GLU B 317 6.55 7.28 -15.16
CA GLU B 317 5.72 7.86 -16.21
C GLU B 317 4.36 7.23 -16.21
N ARG B 318 3.34 8.09 -16.17
CA ARG B 318 1.96 7.72 -16.32
C ARG B 318 1.46 6.67 -15.33
N THR B 319 1.31 5.40 -15.71
CA THR B 319 0.93 4.34 -14.76
C THR B 319 2.07 3.87 -13.88
N GLY B 320 3.29 4.32 -14.20
CA GLY B 320 4.41 4.01 -13.34
C GLY B 320 5.34 2.94 -13.84
N ASN B 321 6.55 2.94 -13.29
CA ASN B 321 7.46 1.82 -13.42
C ASN B 321 6.99 0.72 -12.47
N VAL B 322 7.44 -0.51 -12.70
CA VAL B 322 7.09 -1.65 -11.85
C VAL B 322 7.50 -1.39 -10.41
N CYS B 323 6.66 -1.82 -9.48
CA CYS B 323 6.89 -1.57 -8.08
C CYS B 323 7.96 -2.52 -7.55
N LEU B 324 9.07 -1.93 -7.15
CA LEU B 324 10.16 -2.67 -6.49
C LEU B 324 9.78 -3.19 -5.11
N VAL B 325 8.86 -2.53 -4.41
CA VAL B 325 8.44 -3.02 -3.10
C VAL B 325 7.64 -4.31 -3.25
N THR B 326 6.71 -4.30 -4.18
CA THR B 326 5.87 -5.45 -4.44
C THR B 326 6.73 -6.63 -4.91
N LEU B 327 7.64 -6.40 -5.85
CA LEU B 327 8.52 -7.44 -6.39
C LEU B 327 9.39 -8.02 -5.27
N GLY B 328 9.94 -7.16 -4.42
CA GLY B 328 10.81 -7.64 -3.35
C GLY B 328 10.05 -8.44 -2.30
N LEU B 329 8.94 -7.90 -1.84
CA LEU B 329 8.14 -8.63 -0.85
C LEU B 329 7.42 -9.84 -1.40
N ASN B 330 7.19 -9.91 -2.71
CA ASN B 330 6.66 -11.09 -3.38
C ASN B 330 7.68 -12.26 -3.36
N LEU B 331 8.96 -11.91 -3.28
CA LEU B 331 10.01 -12.91 -3.02
C LEU B 331 10.00 -13.30 -1.54
N PHE B 332 10.06 -12.32 -0.65
CA PHE B 332 10.16 -12.54 0.77
C PHE B 332 9.07 -13.52 1.22
N SER B 333 7.85 -13.27 0.76
CA SER B 333 6.65 -13.97 1.25
C SER B 333 6.55 -15.38 0.70
N ARG B 334 7.40 -15.71 -0.28
CA ARG B 334 7.49 -17.07 -0.82
C ARG B 334 8.85 -17.72 -0.53
N GLY B 335 9.54 -17.17 0.47
CA GLY B 335 10.76 -17.68 1.08
C GLY B 335 12.05 -17.41 0.33
N VAL B 336 12.08 -16.38 -0.51
CA VAL B 336 13.30 -16.01 -1.20
C VAL B 336 13.69 -14.61 -0.68
N ASP B 337 14.94 -14.49 -0.23
CA ASP B 337 15.47 -13.25 0.28
C ASP B 337 15.62 -12.26 -0.87
N PRO B 338 14.96 -11.11 -0.79
CA PRO B 338 15.06 -10.11 -1.86
C PRO B 338 16.34 -9.30 -1.84
N GLN B 339 17.11 -9.43 -0.76
CA GLN B 339 18.42 -8.80 -0.56
C GLN B 339 18.27 -7.27 -0.42
N ILE B 340 17.10 -6.86 0.03
CA ILE B 340 16.71 -5.47 0.29
C ILE B 340 15.92 -5.49 1.59
N ASP B 341 16.13 -4.50 2.42
CA ASP B 341 15.43 -4.42 3.67
C ASP B 341 14.09 -3.68 3.60
N PHE B 342 13.00 -4.41 3.89
CA PHE B 342 11.65 -3.85 3.98
C PHE B 342 11.07 -4.03 5.41
N SER B 343 11.95 -4.23 6.39
CA SER B 343 11.55 -4.43 7.79
C SER B 343 10.71 -3.29 8.37
N ASN B 344 10.85 -2.10 7.79
CA ASN B 344 10.05 -0.97 8.22
C ASN B 344 9.45 -0.32 7.03
N ILE B 345 8.38 -0.92 6.52
CA ILE B 345 7.79 -0.44 5.29
C ILE B 345 7.16 0.93 5.47
N ASP B 346 6.64 1.24 6.66
CA ASP B 346 6.08 2.56 6.91
C ASP B 346 7.11 3.70 6.76
N GLU B 347 8.34 3.46 7.18
CA GLU B 347 9.42 4.43 7.01
C GLU B 347 9.70 4.65 5.54
N ILE B 348 9.69 3.55 4.79
CA ILE B 348 9.91 3.61 3.35
C ILE B 348 8.76 4.39 2.73
N ARG B 349 7.52 4.05 3.08
CA ARG B 349 6.36 4.76 2.58
C ARG B 349 6.39 6.28 2.85
N ARG B 350 6.65 6.64 4.11
CA ARG B 350 6.68 8.07 4.51
C ARG B 350 7.74 8.84 3.71
N THR B 351 8.89 8.23 3.50
CA THR B 351 9.99 8.86 2.77
C THR B 351 9.61 9.02 1.32
N VAL B 352 9.06 7.95 0.73
CA VAL B 352 8.60 7.98 -0.65
C VAL B 352 7.54 9.06 -0.85
N GLU B 353 6.63 9.22 0.13
CA GLU B 353 5.52 10.18 -0.03
C GLU B 353 6.07 11.62 0.08
N TYR B 354 7.04 11.82 0.96
CA TYR B 354 7.73 13.13 1.11
C TYR B 354 8.46 13.43 -0.19
N CYS B 355 9.21 12.46 -0.74
CA CYS B 355 10.02 12.70 -1.94
C CYS B 355 9.19 12.94 -3.19
N ASN B 356 8.13 12.16 -3.37
CA ASN B 356 7.33 12.19 -4.56
C ASN B 356 6.16 13.16 -4.45
N GLN B 357 5.75 13.48 -3.24
CA GLN B 357 4.54 14.27 -2.99
C GLN B 357 3.32 13.64 -3.64
N LEU B 358 3.30 12.31 -3.59
CA LEU B 358 2.20 11.55 -4.13
C LEU B 358 1.98 10.43 -3.12
N PRO B 359 0.74 10.16 -2.75
CA PRO B 359 0.46 9.14 -1.74
C PRO B 359 0.58 7.68 -2.25
N VAL B 360 0.86 6.76 -1.33
CA VAL B 360 0.80 5.33 -1.60
C VAL B 360 -0.64 4.95 -1.34
N HIS B 361 -1.26 4.35 -2.32
CA HIS B 361 -2.68 4.07 -2.29
C HIS B 361 -3.01 3.10 -1.15
N GLU B 362 -4.25 3.23 -0.67
CA GLU B 362 -4.74 2.47 0.49
C GLU B 362 -4.64 0.95 0.31
N ARG B 363 -4.73 0.50 -0.93
CA ARG B 363 -4.74 -0.93 -1.23
C ARG B 363 -3.46 -1.36 -1.94
N HIS B 364 -2.42 -0.55 -1.89
CA HIS B 364 -1.16 -0.90 -2.56
C HIS B 364 -0.61 -2.10 -1.82
N PRO B 365 -0.24 -3.15 -2.54
CA PRO B 365 0.39 -4.31 -1.93
C PRO B 365 1.48 -3.98 -0.91
N TYR B 366 1.39 -4.65 0.22
CA TYR B 366 2.34 -4.58 1.34
C TYR B 366 2.37 -3.27 2.14
N GLY B 367 2.15 -2.12 1.49
CA GLY B 367 2.36 -0.81 2.07
C GLY B 367 1.11 0.03 2.34
N GLY B 368 0.02 -0.29 1.68
CA GLY B 368 -1.16 0.54 1.75
C GLY B 368 -1.80 0.45 3.11
N ASP B 369 -2.48 1.52 3.51
CA ASP B 369 -3.20 1.58 4.81
C ASP B 369 -4.03 0.33 5.17
N LEU B 370 -4.76 -0.22 4.19
CA LEU B 370 -5.79 -1.23 4.48
C LEU B 370 -5.34 -2.68 4.29
N VAL B 371 -4.07 -2.89 3.95
CA VAL B 371 -3.72 -4.24 3.45
C VAL B 371 -3.49 -5.32 4.53
N TYR B 372 -3.32 -4.92 5.77
CA TYR B 372 -3.34 -5.87 6.91
C TYR B 372 -4.56 -5.65 7.78
N THR B 373 -5.67 -5.26 7.17
CA THR B 373 -6.93 -5.01 7.86
C THR B 373 -7.90 -6.14 7.56
N ALA B 374 -8.73 -6.47 8.55
CA ALA B 374 -9.83 -7.37 8.34
C ALA B 374 -11.07 -6.79 8.97
N PHE B 375 -12.09 -6.68 8.14
CA PHE B 375 -13.36 -6.08 8.46
C PHE B 375 -14.41 -7.13 8.71
N SER B 376 -14.28 -8.29 8.04
CA SER B 376 -15.24 -9.36 8.18
C SER B 376 -15.07 -10.12 9.50
N GLY B 377 -16.20 -10.40 10.18
CA GLY B 377 -16.17 -11.20 11.39
C GLY B 377 -15.58 -12.59 11.15
N SER B 378 -15.98 -13.25 10.05
CA SER B 378 -15.48 -14.61 9.78
C SER B 378 -13.94 -14.61 9.51
N HIS B 379 -13.45 -13.53 8.88
CA HIS B 379 -12.03 -13.42 8.63
C HIS B 379 -11.30 -13.19 9.94
N GLN B 380 -11.86 -12.31 10.78
CA GLN B 380 -11.25 -12.00 12.07
C GLN B 380 -11.17 -13.22 12.97
N ASP B 381 -12.26 -14.00 13.01
CA ASP B 381 -12.27 -15.27 13.73
C ASP B 381 -11.18 -16.23 13.22
N ALA B 382 -11.09 -16.44 11.90
CA ALA B 382 -10.09 -17.33 11.29
C ALA B 382 -8.64 -16.89 11.56
N ILE B 383 -8.42 -15.58 11.53
CA ILE B 383 -7.13 -15.00 11.89
C ILE B 383 -6.76 -15.32 13.35
N ASN B 384 -7.67 -15.09 14.29
CA ASN B 384 -7.41 -15.41 15.70
C ASN B 384 -7.13 -16.89 15.90
N LYS B 385 -7.85 -17.75 15.19
CA LYS B 385 -7.58 -19.20 15.29
C LYS B 385 -6.20 -19.55 14.75
N GLY B 386 -5.81 -18.94 13.64
CA GLY B 386 -4.48 -19.14 13.12
C GLY B 386 -3.44 -18.66 14.12
N LEU B 387 -3.65 -17.46 14.66
CA LEU B 387 -2.71 -16.92 15.64
C LEU B 387 -2.63 -17.83 16.88
N ASP B 388 -3.79 -18.23 17.42
CA ASP B 388 -3.78 -19.10 18.61
C ASP B 388 -3.07 -20.42 18.37
N ALA B 389 -3.19 -20.99 17.16
CA ALA B 389 -2.62 -22.30 16.88
C ALA B 389 -1.08 -22.20 16.75
N MSE B 390 -0.60 -21.08 16.20
CA MSE B 390 0.84 -20.83 16.13
C MSE B 390 1.44 -20.72 17.53
O MSE B 390 2.43 -21.35 17.81
CB MSE B 390 1.15 -19.55 15.35
CG MSE B 390 1.06 -19.70 13.85
SE MSE B 390 1.54 -17.97 13.01
CE MSE B 390 3.41 -18.09 13.42
N LYS B 391 0.81 -19.93 18.41
CA LYS B 391 1.29 -19.80 19.79
C LYS B 391 1.29 -21.16 20.50
N LEU B 392 0.25 -21.97 20.30
CA LEU B 392 0.21 -23.31 20.93
C LEU B 392 1.36 -24.20 20.45
N ASP B 393 1.67 -24.18 19.15
CA ASP B 393 2.76 -24.99 18.57
C ASP B 393 4.17 -24.48 19.01
N ALA B 394 4.26 -23.18 19.27
CA ALA B 394 5.49 -22.54 19.71
C ALA B 394 5.77 -22.88 21.17
N ASP B 395 4.75 -22.80 22.02
CA ASP B 395 4.87 -23.17 23.43
C ASP B 395 5.29 -24.63 23.54
N ALA B 396 4.74 -25.48 22.67
CA ALA B 396 5.06 -26.91 22.69
C ALA B 396 6.51 -27.15 22.31
N ALA B 397 6.97 -26.50 21.25
CA ALA B 397 8.36 -26.61 20.79
C ALA B 397 9.36 -25.69 21.51
N ASP B 398 8.94 -25.01 22.58
CA ASP B 398 9.82 -24.07 23.32
C ASP B 398 10.49 -23.00 22.42
N CYS B 399 9.75 -22.48 21.44
CA CYS B 399 10.24 -21.47 20.49
C CYS B 399 9.49 -20.16 20.58
N ASP B 400 10.11 -19.10 20.08
CA ASP B 400 9.44 -17.82 19.94
C ASP B 400 8.48 -18.00 18.74
N VAL B 401 7.19 -17.74 18.96
CA VAL B 401 6.21 -17.76 17.87
C VAL B 401 6.58 -16.84 16.70
N ASP B 402 7.27 -15.75 16.96
CA ASP B 402 7.70 -14.83 15.92
C ASP B 402 8.76 -15.41 15.01
N ASP B 403 9.36 -16.53 15.40
CA ASP B 403 10.31 -17.27 14.56
C ASP B 403 9.71 -18.43 13.82
N MSE B 404 8.45 -18.77 14.11
CA MSE B 404 7.78 -19.94 13.49
C MSE B 404 7.19 -19.62 12.10
O MSE B 404 6.85 -18.45 11.80
CB MSE B 404 6.58 -20.41 14.35
CG MSE B 404 6.84 -20.64 15.78
SE MSE B 404 7.34 -22.50 16.17
CE MSE B 404 5.77 -23.48 15.42
N LEU B 405 7.09 -20.65 11.27
CA LEU B 405 6.33 -20.65 10.01
C LEU B 405 4.99 -19.93 10.17
N TRP B 406 4.78 -18.87 9.39
CA TRP B 406 3.57 -18.07 9.45
C TRP B 406 2.42 -18.86 8.81
N GLN B 407 1.40 -19.09 9.60
CA GLN B 407 0.28 -19.91 9.21
C GLN B 407 -1.01 -19.24 9.68
N VAL B 408 -1.44 -18.20 8.95
CA VAL B 408 -2.59 -17.39 9.35
C VAL B 408 -3.44 -17.08 8.13
N PRO B 409 -4.68 -17.56 8.11
CA PRO B 409 -5.57 -17.25 6.99
C PRO B 409 -5.69 -15.74 6.80
N TYR B 410 -5.84 -15.35 5.54
CA TYR B 410 -6.09 -13.97 5.12
C TYR B 410 -4.95 -12.96 5.32
N LEU B 411 -3.81 -13.38 5.85
CA LEU B 411 -2.64 -12.51 6.00
C LEU B 411 -1.47 -13.23 5.35
N PRO B 412 -1.10 -12.80 4.15
CA PRO B 412 0.03 -13.39 3.40
C PRO B 412 1.33 -13.39 4.18
N ILE B 413 1.58 -12.32 4.92
CA ILE B 413 2.73 -12.29 5.82
C ILE B 413 2.36 -11.78 7.21
N ASP B 414 3.24 -12.03 8.15
CA ASP B 414 3.15 -11.39 9.45
C ASP B 414 3.42 -9.91 9.25
N PRO B 415 2.43 -9.05 9.52
CA PRO B 415 2.63 -7.62 9.37
C PRO B 415 3.81 -7.14 10.21
N ARG B 416 4.12 -7.80 11.33
CA ARG B 416 5.25 -7.38 12.16
C ARG B 416 6.60 -7.54 11.46
N ASP B 417 6.71 -8.47 10.50
CA ASP B 417 7.91 -8.61 9.69
C ASP B 417 8.20 -7.39 8.75
N VAL B 418 7.21 -6.53 8.53
CA VAL B 418 7.42 -5.25 7.81
C VAL B 418 7.14 -4.04 8.71
N GLY B 419 7.05 -4.28 10.02
CA GLY B 419 6.91 -3.23 11.02
C GLY B 419 5.48 -2.72 11.16
N ARG B 420 4.51 -3.45 10.61
CA ARG B 420 3.11 -3.09 10.68
C ARG B 420 2.39 -4.03 11.69
N THR B 421 1.11 -3.80 11.91
CA THR B 421 0.28 -4.53 12.87
C THR B 421 -1.03 -4.93 12.17
N TYR B 422 -1.45 -6.17 12.35
CA TYR B 422 -2.77 -6.64 11.90
C TYR B 422 -3.81 -5.79 12.60
N GLU B 423 -4.81 -5.32 11.86
CA GLU B 423 -5.87 -4.48 12.40
C GLU B 423 -7.29 -5.09 12.19
N ALA B 424 -7.90 -5.57 13.28
CA ALA B 424 -9.29 -5.98 13.24
C ALA B 424 -10.20 -4.79 13.48
N VAL B 425 -10.76 -4.25 12.40
CA VAL B 425 -11.58 -3.05 12.46
C VAL B 425 -13.02 -3.39 12.80
N ILE B 426 -13.57 -2.68 13.78
CA ILE B 426 -14.95 -2.87 14.19
C ILE B 426 -15.71 -1.68 13.71
N ARG B 427 -16.90 -1.91 13.18
CA ARG B 427 -17.76 -0.81 12.71
C ARG B 427 -18.61 -0.27 13.86
N VAL B 428 -18.73 1.06 13.90
CA VAL B 428 -19.62 1.73 14.85
C VAL B 428 -20.86 2.34 14.16
N ASN B 429 -22.05 1.89 14.56
CA ASN B 429 -23.35 2.44 14.14
C ASN B 429 -23.63 3.82 14.75
N LYS B 434 -21.54 8.75 9.20
CA LYS B 434 -20.24 9.14 9.77
C LYS B 434 -19.91 8.33 11.04
N GLY B 435 -18.96 7.38 10.92
CA GLY B 435 -18.65 6.44 12.01
C GLY B 435 -17.15 6.19 12.24
N GLY B 436 -16.84 5.05 12.84
CA GLY B 436 -15.44 4.67 13.12
C GLY B 436 -15.01 5.05 14.54
N VAL B 437 -14.33 4.12 15.21
CA VAL B 437 -13.92 4.28 16.62
C VAL B 437 -13.22 5.61 16.89
N ALA B 438 -12.12 5.88 16.20
CA ALA B 438 -11.37 7.13 16.39
C ALA B 438 -12.29 8.34 16.41
N TYR B 439 -13.02 8.50 15.31
CA TYR B 439 -13.86 9.66 15.10
C TYR B 439 -14.88 9.84 16.20
N ILE B 440 -15.56 8.77 16.58
CA ILE B 440 -16.60 8.86 17.61
C ILE B 440 -16.03 9.06 19.03
N MSE B 441 -14.88 8.45 19.32
CA MSE B 441 -14.20 8.66 20.61
C MSE B 441 -13.84 10.13 20.81
O MSE B 441 -13.95 10.65 21.92
CB MSE B 441 -12.93 7.82 20.68
CG MSE B 441 -13.19 6.40 21.02
SE MSE B 441 -13.80 6.13 22.85
CE MSE B 441 -12.91 7.45 23.59
N LYS B 442 -13.43 10.77 19.73
CA LYS B 442 -13.04 12.18 19.77
C LYS B 442 -14.27 13.08 19.88
N THR B 443 -15.28 12.84 19.05
CA THR B 443 -16.51 13.66 19.06
C THR B 443 -17.35 13.47 20.34
N ASP B 444 -17.61 12.23 20.74
CA ASP B 444 -18.45 11.94 21.91
C ASP B 444 -17.75 12.07 23.26
N HIS B 445 -16.44 11.82 23.30
CA HIS B 445 -15.71 11.77 24.58
C HIS B 445 -14.44 12.60 24.67
N GLY B 446 -14.12 13.31 23.60
CA GLY B 446 -12.98 14.21 23.54
C GLY B 446 -11.59 13.57 23.65
N LEU B 447 -11.48 12.29 23.31
CA LEU B 447 -10.20 11.59 23.35
C LEU B 447 -9.71 11.32 21.94
N SER B 448 -8.49 11.77 21.66
CA SER B 448 -7.77 11.41 20.46
C SER B 448 -6.85 10.21 20.73
N LEU B 449 -7.34 9.01 20.46
CA LEU B 449 -6.58 7.79 20.70
C LEU B 449 -5.39 7.69 19.75
N PRO B 450 -4.20 7.45 20.29
CA PRO B 450 -3.03 7.12 19.46
C PRO B 450 -3.36 5.91 18.61
N ARG B 451 -2.76 5.81 17.43
CA ARG B 451 -3.20 4.79 16.47
C ARG B 451 -3.10 3.36 17.02
N ARG B 452 -2.01 3.03 17.71
CA ARG B 452 -1.83 1.68 18.22
C ARG B 452 -2.82 1.37 19.33
N LEU B 453 -3.32 2.41 20.03
CA LEU B 453 -4.34 2.21 21.05
C LEU B 453 -5.66 1.82 20.37
N GLN B 454 -5.98 2.54 19.29
CA GLN B 454 -7.21 2.26 18.52
C GLN B 454 -7.24 0.80 18.10
N ILE B 455 -6.08 0.29 17.67
CA ILE B 455 -5.98 -1.07 17.17
C ILE B 455 -6.14 -2.08 18.30
N GLU B 456 -5.47 -1.82 19.42
CA GLU B 456 -5.60 -2.66 20.59
C GLU B 456 -7.05 -2.71 21.07
N PHE B 457 -7.66 -1.53 21.16
CA PHE B 457 -9.01 -1.42 21.72
C PHE B 457 -10.02 -2.11 20.79
N SER B 458 -9.84 -1.93 19.49
CA SER B 458 -10.71 -2.61 18.52
C SER B 458 -10.65 -4.13 18.67
N GLN B 459 -9.47 -4.65 19.02
CA GLN B 459 -9.28 -6.09 19.23
C GLN B 459 -10.00 -6.55 20.50
N VAL B 460 -10.00 -5.71 21.53
CA VAL B 460 -10.83 -5.96 22.73
C VAL B 460 -12.34 -6.09 22.40
N ILE B 461 -12.86 -5.11 21.69
CA ILE B 461 -14.23 -5.15 21.17
C ILE B 461 -14.53 -6.38 20.30
N GLN B 462 -13.55 -6.82 19.51
CA GLN B 462 -13.73 -7.96 18.59
C GLN B 462 -14.02 -9.23 19.36
N LYS B 463 -13.29 -9.43 20.47
CA LYS B 463 -13.32 -10.67 21.28
C LYS B 463 -14.53 -10.74 22.24
N VAL B 475 -21.38 -2.57 16.56
CA VAL B 475 -21.34 -1.96 17.88
C VAL B 475 -21.85 -0.52 17.90
N SER B 476 -22.68 -0.18 18.88
CA SER B 476 -23.16 1.20 19.04
C SER B 476 -22.15 2.06 19.83
N PRO B 477 -22.21 3.39 19.64
CA PRO B 477 -21.43 4.36 20.43
C PRO B 477 -21.44 4.09 21.94
N LYS B 478 -22.62 3.84 22.49
CA LYS B 478 -22.76 3.50 23.92
C LYS B 478 -22.01 2.22 24.30
N GLU B 479 -22.16 1.19 23.47
CA GLU B 479 -21.46 -0.08 23.72
C GLU B 479 -19.94 0.12 23.64
N MSE B 480 -19.49 0.93 22.69
CA MSE B 480 -18.08 1.23 22.49
C MSE B 480 -17.50 1.91 23.73
O MSE B 480 -16.46 1.51 24.23
CB MSE B 480 -17.87 2.16 21.29
CG MSE B 480 -16.41 2.63 21.10
SE MSE B 480 -16.29 4.11 19.95
CE MSE B 480 -17.07 5.48 21.17
N TRP B 481 -18.18 2.95 24.19
CA TRP B 481 -17.73 3.72 25.35
C TRP B 481 -17.73 2.88 26.60
N ASP B 482 -18.78 2.12 26.78
CA ASP B 482 -18.93 1.28 27.94
C ASP B 482 -17.80 0.24 28.02
N ALA B 483 -17.43 -0.32 26.86
CA ALA B 483 -16.29 -1.25 26.76
C ALA B 483 -14.95 -0.55 27.06
N PHE B 484 -14.79 0.67 26.55
CA PHE B 484 -13.60 1.47 26.79
C PHE B 484 -13.44 1.73 28.31
N ALA B 485 -14.54 2.12 28.97
CA ALA B 485 -14.48 2.45 30.40
C ALA B 485 -14.12 1.23 31.23
N GLU B 486 -14.67 0.05 30.90
CA GLU B 486 -14.44 -1.15 31.73
C GLU B 486 -13.04 -1.72 31.51
N GLU B 487 -12.47 -1.44 30.37
CA GLU B 487 -11.15 -1.94 30.04
C GLU B 487 -10.02 -1.03 30.59
N TYR B 488 -10.16 0.28 30.40
CA TYR B 488 -9.07 1.24 30.63
C TYR B 488 -9.27 2.15 31.87
N LEU B 489 -10.52 2.50 32.18
CA LEU B 489 -10.80 3.51 33.23
C LEU B 489 -11.26 2.98 34.58
N ALA B 490 -12.04 1.90 34.58
CA ALA B 490 -12.69 1.44 35.80
C ALA B 490 -11.84 0.53 36.70
N PRO B 491 -11.06 -0.41 36.16
CA PRO B 491 -10.38 -1.37 37.02
C PRO B 491 -9.56 -0.74 38.12
N VAL B 492 -9.57 -1.47 39.24
CA VAL B 492 -9.08 -1.03 40.52
C VAL B 492 -8.28 -2.18 41.18
N ARG B 493 -8.28 -3.34 40.49
CA ARG B 493 -7.44 -4.46 40.85
C ARG B 493 -6.68 -4.96 39.60
N PRO B 494 -5.44 -5.43 39.77
CA PRO B 494 -4.76 -5.51 41.07
C PRO B 494 -4.21 -4.19 41.64
N LEU B 495 -4.23 -3.08 40.90
CA LEU B 495 -3.54 -1.90 41.37
C LEU B 495 -4.52 -0.77 41.44
N GLU B 496 -4.60 -0.11 42.59
CA GLU B 496 -5.34 1.15 42.72
C GLU B 496 -4.37 2.18 43.26
N ARG B 497 -4.54 3.43 42.86
CA ARG B 497 -3.70 4.53 43.33
C ARG B 497 -4.60 5.45 44.16
N ILE B 498 -4.26 5.64 45.44
CA ILE B 498 -5.06 6.47 46.35
C ILE B 498 -4.59 7.92 46.24
N ARG B 499 -3.35 8.16 46.65
CA ARG B 499 -2.74 9.47 46.55
C ARG B 499 -1.23 9.31 46.40
N GLN B 500 -0.55 10.44 46.23
CA GLN B 500 0.90 10.44 46.18
C GLN B 500 1.50 11.82 46.42
N HIS B 501 2.73 11.81 46.93
CA HIS B 501 3.54 13.01 47.06
C HIS B 501 4.71 13.05 46.04
N VAL B 502 4.65 13.99 45.10
CA VAL B 502 5.69 14.23 44.09
C VAL B 502 6.67 15.33 44.54
N ASP B 503 7.94 14.97 44.68
CA ASP B 503 9.02 15.87 45.09
C ASP B 503 9.93 16.05 43.86
N ALA B 504 9.63 17.08 43.07
CA ALA B 504 10.33 17.40 41.83
C ALA B 504 11.46 18.39 42.09
N ALA B 505 12.68 18.09 41.61
CA ALA B 505 13.78 19.03 41.83
C ALA B 505 13.45 20.31 41.10
N ASP B 506 13.84 21.45 41.67
CA ASP B 506 13.53 22.75 41.07
C ASP B 506 14.26 22.99 39.76
N ASP B 507 15.42 22.36 39.63
CA ASP B 507 16.37 22.73 38.61
C ASP B 507 16.27 21.74 37.45
N ASP B 508 16.36 22.27 36.23
CA ASP B 508 16.29 21.44 35.03
C ASP B 508 17.32 20.30 35.13
N GLY B 509 16.90 19.10 34.74
CA GLY B 509 17.77 17.93 34.71
C GLY B 509 17.87 17.28 36.06
N GLY B 510 17.05 17.77 37.01
CA GLY B 510 17.07 17.26 38.36
C GLY B 510 16.17 16.03 38.50
N THR B 511 16.30 15.35 39.63
CA THR B 511 15.54 14.15 39.93
C THR B 511 14.18 14.49 40.56
N THR B 512 13.17 13.68 40.23
CA THR B 512 11.86 13.72 40.86
C THR B 512 11.71 12.44 41.65
N SER B 513 11.22 12.55 42.87
CA SER B 513 10.98 11.39 43.72
C SER B 513 9.50 11.36 44.03
N ILE B 514 8.96 10.19 44.30
CA ILE B 514 7.55 10.07 44.55
C ILE B 514 7.35 9.08 45.69
N THR B 515 6.42 9.40 46.59
CA THR B 515 5.88 8.39 47.49
C THR B 515 4.40 8.29 47.20
N ALA B 516 3.89 7.08 47.11
CA ALA B 516 2.49 6.88 46.79
C ALA B 516 1.86 5.87 47.70
N THR B 517 0.61 6.14 48.05
CA THR B 517 -0.26 5.14 48.68
C THR B 517 -1.05 4.38 47.61
N VAL B 518 -0.92 3.05 47.59
CA VAL B 518 -1.64 2.22 46.61
C VAL B 518 -2.23 0.97 47.28
N LYS B 519 -3.35 0.48 46.76
CA LYS B 519 -3.85 -0.84 47.17
C LYS B 519 -3.44 -1.90 46.13
N ILE B 520 -2.76 -2.93 46.60
CA ILE B 520 -2.39 -4.05 45.74
C ILE B 520 -3.31 -5.24 46.09
N ASN B 521 -4.22 -5.56 45.17
CA ASN B 521 -5.28 -6.56 45.38
C ASN B 521 -6.03 -6.31 46.72
N GLY B 522 -6.46 -5.06 46.92
CA GLY B 522 -7.14 -4.65 48.14
C GLY B 522 -6.30 -4.07 49.28
N VAL B 523 -5.03 -4.47 49.37
CA VAL B 523 -4.19 -4.17 50.54
C VAL B 523 -3.35 -2.87 50.40
N GLU B 524 -3.64 -1.88 51.26
CA GLU B 524 -2.88 -0.63 51.28
C GLU B 524 -1.37 -0.92 51.51
N THR B 525 -0.50 -0.19 50.82
CA THR B 525 0.95 -0.28 51.01
C THR B 525 1.59 1.00 50.47
N GLU B 526 2.79 1.32 50.91
CA GLU B 526 3.47 2.55 50.50
C GLU B 526 4.64 2.19 49.60
N ILE B 527 4.78 2.93 48.50
CA ILE B 527 5.85 2.67 47.53
C ILE B 527 6.69 3.95 47.24
N SER B 528 7.95 3.74 46.91
CA SER B 528 8.91 4.83 46.68
C SER B 528 9.79 4.60 45.48
N GLY B 529 10.03 5.68 44.75
CA GLY B 529 10.93 5.66 43.61
C GLY B 529 11.35 7.04 43.18
N SER B 530 12.39 7.09 42.36
CA SER B 530 12.86 8.34 41.75
C SER B 530 13.04 8.18 40.23
N GLY B 531 13.07 9.29 39.50
CA GLY B 531 13.09 9.28 38.03
C GLY B 531 13.31 10.70 37.50
N ASN B 532 13.39 10.88 36.18
CA ASN B 532 13.62 12.23 35.61
C ASN B 532 12.37 13.06 35.60
N GLY B 533 11.24 12.43 35.91
CA GLY B 533 9.95 13.12 36.01
C GLY B 533 9.03 12.31 36.88
N PRO B 534 7.81 12.77 37.15
CA PRO B 534 6.92 12.03 38.07
C PRO B 534 6.47 10.68 37.48
N LEU B 535 6.34 10.64 36.15
CA LEU B 535 5.93 9.42 35.44
C LEU B 535 6.94 8.32 35.71
N ALA B 536 8.19 8.64 35.45
CA ALA B 536 9.31 7.72 35.64
C ALA B 536 9.50 7.28 37.10
N ALA B 537 9.27 8.21 38.00
CA ALA B 537 9.39 7.96 39.41
C ALA B 537 8.37 6.92 39.85
N PHE B 538 7.14 7.11 39.41
CA PHE B 538 6.02 6.25 39.75
C PHE B 538 6.24 4.85 39.20
N VAL B 539 6.72 4.79 37.97
CA VAL B 539 7.03 3.53 37.29
C VAL B 539 8.08 2.77 38.08
N HIS B 540 9.11 3.48 38.54
CA HIS B 540 10.19 2.87 39.28
C HIS B 540 9.72 2.43 40.67
N ALA B 541 8.81 3.19 41.29
CA ALA B 541 8.20 2.79 42.56
C ALA B 541 7.46 1.46 42.51
N LEU B 542 6.75 1.22 41.41
CA LEU B 542 5.88 0.06 41.28
C LEU B 542 6.69 -1.21 41.12
N ALA B 543 7.94 -1.09 40.69
CA ALA B 543 8.84 -2.23 40.56
C ALA B 543 9.12 -2.93 41.88
N ASP B 544 9.08 -2.18 42.99
CA ASP B 544 9.35 -2.79 44.29
C ASP B 544 8.16 -3.61 44.79
N VAL B 545 6.96 -3.31 44.27
CA VAL B 545 5.74 -4.04 44.61
C VAL B 545 5.37 -5.14 43.58
N GLY B 546 6.29 -5.49 42.67
CA GLY B 546 6.08 -6.57 41.73
C GLY B 546 5.49 -6.25 40.35
N PHE B 547 5.40 -4.98 39.98
CA PHE B 547 4.98 -4.61 38.61
C PHE B 547 6.15 -3.98 37.89
N ASP B 548 6.63 -4.64 36.84
CA ASP B 548 7.68 -4.09 36.01
C ASP B 548 7.05 -3.41 34.79
N VAL B 549 7.03 -2.10 34.80
CA VAL B 549 6.44 -1.30 33.74
C VAL B 549 7.56 -0.63 32.94
N ALA B 550 7.84 -1.16 31.75
CA ALA B 550 8.82 -0.58 30.84
C ALA B 550 8.08 0.27 29.82
N VAL B 551 8.13 1.58 30.01
CA VAL B 551 7.40 2.52 29.18
C VAL B 551 8.00 2.59 27.77
N LEU B 552 7.17 2.35 26.75
CA LEU B 552 7.55 2.37 25.34
C LEU B 552 7.14 3.63 24.60
N ASP B 553 6.00 4.20 24.97
CA ASP B 553 5.51 5.42 24.35
C ASP B 553 4.57 6.13 25.28
N TYR B 554 4.36 7.39 24.99
CA TYR B 554 3.51 8.23 25.83
C TYR B 554 3.02 9.44 25.03
N TYR B 555 1.73 9.74 25.16
CA TYR B 555 1.07 10.89 24.55
C TYR B 555 0.10 11.52 25.56
N GLU B 556 -0.09 12.82 25.43
CA GLU B 556 -1.05 13.57 26.24
C GLU B 556 -1.64 14.67 25.38
N HIS B 557 -2.91 15.01 25.65
CA HIS B 557 -3.59 16.15 25.06
C HIS B 557 -4.60 16.80 26.02
N ALA B 558 -4.96 18.03 25.74
CA ALA B 558 -6.01 18.70 26.50
C ALA B 558 -7.39 18.22 26.07
N MSE B 559 -8.34 18.33 26.99
CA MSE B 559 -9.77 18.26 26.70
C MSE B 559 -10.36 19.55 27.31
O MSE B 559 -10.12 19.83 28.49
CB MSE B 559 -10.40 17.03 27.37
CG MSE B 559 -9.76 15.66 27.05
SE MSE B 559 -10.02 14.34 28.51
CE MSE B 559 -8.90 15.00 29.61
N SER B 560 -11.09 20.37 26.56
CA SER B 560 -11.67 21.63 27.08
C SER B 560 -10.56 22.67 27.47
N ALA B 561 -10.90 23.80 28.11
CA ALA B 561 -9.89 24.87 28.24
C ALA B 561 -9.86 25.83 29.47
N GLY B 562 -10.78 25.70 30.44
CA GLY B 562 -10.79 26.62 31.58
C GLY B 562 -10.56 25.99 32.95
N ASP B 563 -11.47 26.29 33.89
CA ASP B 563 -11.51 25.59 35.16
C ASP B 563 -12.02 24.15 34.91
N ASP B 564 -12.74 23.96 33.80
CA ASP B 564 -13.24 22.62 33.41
C ASP B 564 -12.19 21.79 32.60
N ALA B 565 -11.03 22.36 32.32
CA ALA B 565 -9.98 21.74 31.51
C ALA B 565 -9.47 20.44 32.12
N GLN B 566 -9.27 19.46 31.27
CA GLN B 566 -8.71 18.19 31.69
C GLN B 566 -7.59 17.77 30.75
N ALA B 567 -6.79 16.81 31.21
CA ALA B 567 -5.74 16.21 30.40
C ALA B 567 -6.04 14.73 30.22
N ALA B 568 -5.79 14.24 29.01
CA ALA B 568 -5.89 12.82 28.71
C ALA B 568 -4.50 12.34 28.40
N ALA B 569 -4.07 11.29 29.06
CA ALA B 569 -2.76 10.72 28.90
C ALA B 569 -2.86 9.28 28.47
N TYR B 570 -1.93 8.86 27.62
CA TYR B 570 -1.89 7.51 27.07
C TYR B 570 -0.47 6.98 27.20
N VAL B 571 -0.31 5.80 27.79
CA VAL B 571 0.99 5.22 28.04
C VAL B 571 0.99 3.83 27.42
N GLU B 572 1.98 3.56 26.58
CA GLU B 572 2.19 2.21 26.07
C GLU B 572 3.35 1.62 26.84
N ALA B 573 3.17 0.41 27.38
CA ALA B 573 4.20 -0.20 28.23
C ALA B 573 4.29 -1.71 28.02
N SER B 574 5.49 -2.27 28.14
CA SER B 574 5.63 -3.73 28.30
C SER B 574 5.58 -3.97 29.82
N VAL B 575 4.55 -4.67 30.28
CA VAL B 575 4.33 -4.90 31.70
C VAL B 575 4.55 -6.37 32.06
N THR B 576 5.25 -6.59 33.15
CA THR B 576 5.44 -7.94 33.70
C THR B 576 4.97 -7.89 35.13
N ILE B 577 4.17 -8.88 35.54
CA ILE B 577 3.64 -8.93 36.89
C ILE B 577 4.05 -10.21 37.63
N ALA B 578 4.42 -10.06 38.91
CA ALA B 578 4.81 -11.17 39.77
C ALA B 578 3.55 -11.96 40.17
N SER B 579 3.67 -13.28 40.28
CA SER B 579 2.53 -14.16 40.58
C SER B 579 1.42 -13.96 39.53
N THR B 614 5.26 -13.73 32.77
CA THR B 614 5.46 -13.32 31.38
C THR B 614 5.03 -11.86 31.16
N SER B 615 5.53 -11.27 30.07
CA SER B 615 5.31 -9.84 29.78
C SER B 615 4.37 -9.55 28.58
N LYS B 616 3.63 -8.45 28.67
CA LYS B 616 2.61 -8.10 27.69
C LYS B 616 2.66 -6.60 27.38
N THR B 617 2.55 -6.27 26.11
CA THR B 617 2.51 -4.88 25.68
C THR B 617 1.08 -4.42 25.67
N VAL B 618 0.81 -3.34 26.40
CA VAL B 618 -0.54 -2.83 26.56
C VAL B 618 -0.54 -1.32 26.71
N TRP B 619 -1.69 -0.74 26.42
CA TRP B 619 -1.95 0.68 26.64
C TRP B 619 -2.74 0.88 27.91
N GLY B 620 -2.46 2.02 28.55
CA GLY B 620 -3.27 2.52 29.65
C GLY B 620 -3.73 3.92 29.30
N VAL B 621 -4.90 4.29 29.79
CA VAL B 621 -5.44 5.61 29.61
C VAL B 621 -5.72 6.24 30.95
N GLY B 622 -5.50 7.54 31.03
CA GLY B 622 -5.79 8.30 32.23
C GLY B 622 -6.33 9.66 31.89
N ILE B 623 -7.28 10.08 32.73
CA ILE B 623 -7.97 11.34 32.60
C ILE B 623 -8.01 12.04 33.95
N ALA B 624 -7.64 13.32 33.97
CA ALA B 624 -7.55 14.07 35.23
C ALA B 624 -7.37 15.53 34.94
N PRO B 625 -7.68 16.41 35.88
CA PRO B 625 -7.50 17.85 35.65
C PRO B 625 -6.00 18.26 35.56
N SER B 626 -5.11 17.51 36.17
CA SER B 626 -3.67 17.79 36.10
C SER B 626 -2.98 16.88 35.07
N ILE B 627 -2.11 17.43 34.23
CA ILE B 627 -1.29 16.64 33.30
C ILE B 627 -0.41 15.61 34.00
N THR B 628 0.06 15.95 35.19
CA THR B 628 0.80 15.02 35.99
C THR B 628 -0.07 13.84 36.42
N THR B 629 -1.18 14.13 37.08
CA THR B 629 -2.05 13.05 37.58
C THR B 629 -2.67 12.18 36.49
N ALA B 630 -2.98 12.77 35.35
CA ALA B 630 -3.45 12.00 34.20
C ALA B 630 -2.40 10.95 33.76
N SER B 631 -1.10 11.33 33.77
CA SER B 631 -0.02 10.40 33.39
C SER B 631 0.05 9.23 34.37
N LEU B 632 -0.07 9.51 35.66
CA LEU B 632 -0.05 8.48 36.68
C LEU B 632 -1.27 7.54 36.55
N ARG B 633 -2.43 8.10 36.25
CA ARG B 633 -3.63 7.27 36.07
C ARG B 633 -3.43 6.33 34.88
N ALA B 634 -2.74 6.83 33.86
CA ALA B 634 -2.53 6.03 32.64
C ALA B 634 -1.65 4.85 32.95
N VAL B 635 -0.68 5.02 33.86
CA VAL B 635 0.23 3.92 34.18
C VAL B 635 -0.51 2.80 34.90
N VAL B 636 -1.32 3.19 35.88
CA VAL B 636 -2.20 2.29 36.61
C VAL B 636 -3.18 1.55 35.67
N SER B 637 -3.78 2.30 34.76
CA SER B 637 -4.63 1.73 33.72
C SER B 637 -3.89 0.65 32.92
N ALA B 638 -2.64 0.91 32.55
CA ALA B 638 -1.87 -0.08 31.79
C ALA B 638 -1.61 -1.35 32.60
N VAL B 639 -1.25 -1.18 33.87
CA VAL B 639 -0.93 -2.33 34.71
C VAL B 639 -2.17 -3.23 34.82
N ASN B 640 -3.31 -2.63 35.10
CA ASN B 640 -4.54 -3.39 35.25
C ASN B 640 -5.01 -4.02 33.92
N ARG B 641 -4.72 -3.42 32.77
CA ARG B 641 -5.02 -4.08 31.49
C ARG B 641 -4.22 -5.36 31.37
N ALA B 642 -2.95 -5.28 31.74
CA ALA B 642 -2.03 -6.40 31.65
C ALA B 642 -2.45 -7.60 32.51
N ALA B 643 -3.26 -7.37 33.55
CA ALA B 643 -3.83 -8.46 34.36
C ALA B 643 -4.99 -9.21 33.65
ZN ZN C . -13.21 -12.10 -2.37
CL CL D . -1.95 20.89 34.39
O1 KIV E . -12.75 -16.10 -1.64
C1 KIV E . -13.19 -14.87 -1.79
O2 KIV E . -12.41 -14.00 -2.11
C2 KIV E . -14.61 -14.57 -1.55
C3 KIV E . -15.55 -15.75 -1.65
C4 KIV E . -16.82 -15.47 -0.83
C5 KIV E . -15.77 -16.03 -3.13
O3 KIV E . -15.01 -13.41 -1.50
ZN ZN F . 10.71 4.05 -18.33
O1 KIV G . 11.68 2.92 -22.18
C1 KIV G . 11.55 3.53 -21.01
O2 KIV G . 10.53 3.37 -20.33
C2 KIV G . 12.65 4.37 -20.53
C3 KIV G . 14.01 4.19 -21.16
C4 KIV G . 14.82 5.50 -21.03
C5 KIV G . 14.68 3.01 -20.46
O3 KIV G . 12.51 4.95 -19.46
#